data_2QJS
#
_entry.id   2QJS
#
_cell.length_a   86.382
_cell.length_b   86.382
_cell.length_c   227.363
_cell.angle_alpha   90.00
_cell.angle_beta   90.00
_cell.angle_gamma   120.00
#
_symmetry.space_group_name_H-M   'P 31 2 1'
#
loop_
_entity.id
_entity.type
_entity.pdbx_description
1 polymer 'Metallo-beta-lactamase L1'
2 non-polymer 'ZINC ION'
3 water water
#
_entity_poly.entity_id   1
_entity_poly.type   'polypeptide(L)'
_entity_poly.pdbx_seq_one_letter_code
;AEVPLPQLRAYTVDASWLQPMAPLQIADHTWQIGTEDLTALLVQTPDGAVLLDGGMPQMASHLLDNMKARGVTPRDLRLI
LLSHAHANHAGPVAELKRRTGAKVAANAESAVLLARGGSDDLHFGDGITYPPANADRIVMDGEVITVGGIVFTAHFMAGH
TPGSTAWTWTDTRNGKPVRIAYADSLSAPGYQLQGNPRYPHLIEDYRRSFATVRALPCDVLLTPHPGASNWDYAAGARAG
AKALTCKAYADAAEQKFDGQLAKETAGAR
;
_entity_poly.pdbx_strand_id   A,B,C,D
#
loop_
_chem_comp.id
_chem_comp.type
_chem_comp.name
_chem_comp.formula
ZN non-polymer 'ZINC ION' 'Zn 2'
#
# COMPACT_ATOMS: atom_id res chain seq x y z
N PRO A 20 31.39 -10.17 1.98
CA PRO A 20 30.98 -11.07 0.88
C PRO A 20 31.22 -12.56 1.22
N MET A 21 31.29 -12.84 2.52
CA MET A 21 31.91 -14.05 3.05
C MET A 21 30.97 -15.26 3.11
N ALA A 22 31.51 -16.40 3.55
CA ALA A 22 30.74 -17.58 3.82
C ALA A 22 30.12 -17.46 5.21
N PRO A 23 29.15 -18.30 5.56
CA PRO A 23 28.50 -18.15 6.88
C PRO A 23 29.51 -18.09 8.03
N LEU A 24 29.25 -17.18 8.97
CA LEU A 24 30.06 -17.04 10.17
C LEU A 24 29.20 -17.37 11.39
N GLN A 25 29.59 -18.42 12.11
CA GLN A 25 28.83 -18.79 13.30
C GLN A 25 29.11 -17.84 14.47
N ILE A 26 28.04 -17.45 15.16
CA ILE A 26 28.07 -16.61 16.35
C ILE A 26 27.73 -17.48 17.56
N ALA A 27 26.59 -18.16 17.45
CA ALA A 27 26.14 -19.09 18.47
C ALA A 27 25.84 -20.42 17.79
N ASP A 28 25.29 -21.38 18.54
CA ASP A 28 25.10 -22.73 18.00
C ASP A 28 24.10 -22.77 16.84
N HIS A 29 23.12 -21.88 16.87
CA HIS A 29 22.12 -21.80 15.81
C HIS A 29 21.93 -20.36 15.33
N THR A 30 23.03 -19.61 15.37
CA THR A 30 22.99 -18.20 15.00
C THR A 30 24.27 -17.82 14.26
N TRP A 31 24.07 -17.52 12.98
CA TRP A 31 25.16 -17.27 12.06
C TRP A 31 25.12 -15.89 11.43
N GLN A 32 26.28 -15.38 11.07
CA GLN A 32 26.33 -14.19 10.20
C GLN A 32 26.39 -14.67 8.76
N ILE A 33 25.48 -14.20 7.90
CA ILE A 33 25.49 -14.64 6.50
C ILE A 33 25.56 -13.49 5.50
N GLY A 34 25.68 -12.25 5.96
CA GLY A 34 25.79 -11.13 5.03
C GLY A 34 27.16 -10.99 4.41
N THR A 35 27.78 -9.83 4.62
CA THR A 35 29.12 -9.57 4.13
C THR A 35 30.00 -9.05 5.28
N GLU A 36 31.28 -8.84 5.03
CA GLU A 36 32.17 -8.45 6.12
C GLU A 36 31.88 -7.02 6.61
N ASP A 37 31.18 -6.23 5.80
CA ASP A 37 30.82 -4.87 6.19
C ASP A 37 29.36 -4.75 6.62
N LEU A 38 28.54 -5.74 6.28
CA LEU A 38 27.11 -5.67 6.55
C LEU A 38 26.57 -6.88 7.29
N THR A 39 25.85 -6.61 8.38
CA THR A 39 25.27 -7.70 9.16
C THR A 39 23.97 -8.23 8.57
N ALA A 40 23.81 -9.54 8.69
CA ALA A 40 22.59 -10.28 8.39
C ALA A 40 22.65 -11.63 9.11
N LEU A 41 21.74 -11.86 10.05
CA LEU A 41 21.80 -13.06 10.89
C LEU A 41 20.70 -14.08 10.58
N LEU A 42 21.10 -15.34 10.45
CA LEU A 42 20.18 -16.45 10.26
C LEU A 42 20.02 -17.20 11.58
N VAL A 43 18.80 -17.29 12.10
CA VAL A 43 18.56 -18.00 13.34
C VAL A 43 17.76 -19.24 13.02
N GLN A 44 18.40 -20.41 13.11
CA GLN A 44 17.65 -21.61 12.71
C GLN A 44 17.00 -22.27 13.93
N THR A 45 15.74 -22.60 13.77
CA THR A 45 14.90 -23.24 14.78
C THR A 45 14.22 -24.47 14.18
N PRO A 46 13.76 -25.36 15.06
CA PRO A 46 13.08 -26.58 14.65
C PRO A 46 11.81 -26.34 13.84
N ASP A 47 11.33 -25.10 13.76
CA ASP A 47 10.14 -24.80 12.98
C ASP A 47 10.43 -23.92 11.77
N GLY A 48 11.67 -23.42 11.65
CA GLY A 48 12.01 -22.66 10.46
C GLY A 48 13.08 -21.60 10.73
N ALA A 49 13.64 -21.08 9.65
CA ALA A 49 14.66 -20.05 9.78
C ALA A 49 14.01 -18.67 9.99
N VAL A 50 14.77 -17.82 10.65
CA VAL A 50 14.43 -16.44 10.96
C VAL A 50 15.63 -15.60 10.57
N LEU A 51 15.40 -14.54 9.82
CA LEU A 51 16.50 -13.70 9.34
C LEU A 51 16.38 -12.31 9.97
N LEU A 52 17.53 -11.68 10.18
CA LEU A 52 17.59 -10.36 10.79
C LEU A 52 18.44 -9.46 9.92
N ASP A 53 17.79 -8.54 9.21
CA ASP A 53 18.41 -7.68 8.22
C ASP A 53 18.92 -8.52 7.05
N GLY A 54 19.33 -7.85 5.98
CA GLY A 54 19.69 -8.61 4.79
C GLY A 54 20.85 -8.01 4.03
N GLY A 55 21.31 -6.84 4.46
CA GLY A 55 22.36 -6.12 3.77
C GLY A 55 21.82 -5.20 2.67
N MET A 56 22.51 -5.21 1.52
CA MET A 56 22.19 -4.41 0.35
C MET A 56 21.17 -5.12 -0.55
N PRO A 57 20.47 -4.36 -1.39
CA PRO A 57 19.43 -4.93 -2.25
C PRO A 57 19.97 -6.07 -3.12
N GLN A 58 21.24 -5.96 -3.46
CA GLN A 58 21.91 -6.87 -4.38
C GLN A 58 22.26 -8.22 -3.76
N MET A 59 21.98 -8.39 -2.47
CA MET A 59 22.45 -9.58 -1.75
C MET A 59 21.45 -10.70 -1.65
N ALA A 60 20.29 -10.62 -2.28
CA ALA A 60 19.31 -11.69 -2.14
C ALA A 60 19.87 -13.06 -2.47
N SER A 61 20.72 -13.18 -3.49
CA SER A 61 21.16 -14.52 -3.89
C SER A 61 22.25 -15.09 -2.98
N HIS A 62 23.24 -14.29 -2.59
CA HIS A 62 24.26 -14.69 -1.60
C HIS A 62 23.60 -15.24 -0.34
N LEU A 63 22.81 -14.39 0.34
CA LEU A 63 22.09 -14.83 1.53
C LEU A 63 21.42 -16.18 1.27
N LEU A 64 20.80 -16.28 0.10
CA LEU A 64 20.07 -17.53 -0.23
C LEU A 64 21.03 -18.69 -0.41
N ASP A 65 22.24 -18.40 -0.88
CA ASP A 65 23.26 -19.46 -0.98
C ASP A 65 23.55 -20.00 0.43
N ASN A 66 24.10 -19.11 1.26
CA ASN A 66 24.40 -19.40 2.66
C ASN A 66 23.29 -20.18 3.34
N MET A 67 22.03 -19.75 3.20
CA MET A 67 20.97 -20.49 3.87
C MET A 67 20.92 -21.93 3.39
N LYS A 68 21.13 -22.16 2.09
CA LYS A 68 21.12 -23.53 1.60
C LYS A 68 22.33 -24.28 2.13
N ALA A 69 23.48 -23.59 2.16
CA ALA A 69 24.69 -24.16 2.76
C ALA A 69 24.40 -24.62 4.19
N ARG A 70 23.58 -23.84 4.91
CA ARG A 70 23.23 -24.08 6.29
C ARG A 70 22.06 -25.07 6.41
N GLY A 71 21.69 -25.69 5.30
CA GLY A 71 20.59 -26.64 5.32
C GLY A 71 19.22 -25.99 5.30
N VAL A 72 19.19 -24.67 5.18
CA VAL A 72 17.91 -23.98 5.10
C VAL A 72 17.58 -23.60 3.65
N THR A 73 16.46 -24.16 3.18
CA THR A 73 15.92 -23.96 1.84
C THR A 73 14.91 -22.80 1.90
N PRO A 74 14.65 -22.17 0.77
CA PRO A 74 13.75 -21.01 0.74
C PRO A 74 12.46 -21.26 1.50
N ARG A 75 11.86 -22.45 1.29
CA ARG A 75 10.61 -22.76 1.99
C ARG A 75 10.77 -22.69 3.51
N ASP A 76 12.01 -22.80 3.96
CA ASP A 76 12.33 -22.84 5.38
C ASP A 76 12.35 -21.46 6.01
N LEU A 77 12.73 -20.45 5.23
CA LEU A 77 12.70 -19.08 5.74
C LEU A 77 11.26 -18.68 5.96
N ARG A 78 10.88 -18.39 7.20
CA ARG A 78 9.47 -18.11 7.51
C ARG A 78 9.26 -16.73 8.10
N LEU A 79 10.34 -16.11 8.58
CA LEU A 79 10.19 -14.82 9.25
C LEU A 79 11.36 -13.90 8.93
N ILE A 80 11.06 -12.62 8.71
CA ILE A 80 12.14 -11.66 8.45
C ILE A 80 11.99 -10.49 9.40
N LEU A 81 13.06 -10.18 10.12
CA LEU A 81 13.02 -9.10 11.11
C LEU A 81 14.01 -8.04 10.69
N LEU A 82 13.83 -6.81 11.17
CA LEU A 82 14.77 -5.78 10.72
C LEU A 82 15.24 -4.93 11.88
N SER A 83 16.47 -4.42 11.77
CA SER A 83 16.95 -3.40 12.70
C SER A 83 16.30 -2.07 12.34
N HIS A 84 16.42 -1.67 11.07
CA HIS A 84 15.75 -0.48 10.55
C HIS A 84 15.65 -0.47 9.02
N ALA A 85 14.70 0.29 8.48
CA ALA A 85 14.41 0.16 7.04
C ALA A 85 15.22 1.10 6.15
N HIS A 86 16.54 1.06 6.30
CA HIS A 86 17.45 1.71 5.38
C HIS A 86 17.94 0.73 4.32
N ALA A 87 18.30 1.23 3.15
CA ALA A 87 18.73 0.48 1.98
C ALA A 87 19.88 -0.49 2.22
N ASN A 88 20.84 -0.13 3.07
CA ASN A 88 22.01 -0.98 3.29
C ASN A 88 21.73 -2.10 4.28
N HIS A 89 20.51 -2.13 4.82
CA HIS A 89 20.13 -3.12 5.81
C HIS A 89 18.87 -3.85 5.46
N ALA A 90 17.93 -3.19 4.78
CA ALA A 90 16.67 -3.84 4.42
C ALA A 90 16.56 -4.09 2.92
N GLY A 91 17.63 -3.82 2.19
CA GLY A 91 17.68 -3.90 0.75
C GLY A 91 16.91 -5.02 0.09
N PRO A 92 17.34 -6.26 0.27
CA PRO A 92 16.79 -7.36 -0.52
C PRO A 92 15.53 -7.98 0.07
N VAL A 93 14.93 -7.32 1.06
CA VAL A 93 13.74 -7.87 1.71
C VAL A 93 12.61 -8.18 0.76
N ALA A 94 12.37 -7.28 -0.20
CA ALA A 94 11.28 -7.46 -1.15
C ALA A 94 11.47 -8.69 -2.02
N GLU A 95 12.67 -8.90 -2.55
CA GLU A 95 12.94 -10.08 -3.37
C GLU A 95 12.93 -11.38 -2.56
N LEU A 96 13.44 -11.31 -1.36
CA LEU A 96 13.44 -12.42 -0.40
C LEU A 96 12.02 -12.90 -0.14
N LYS A 97 11.08 -11.96 -0.05
CA LYS A 97 9.66 -12.23 0.07
C LYS A 97 9.14 -12.95 -1.16
N ARG A 98 9.60 -12.53 -2.35
CA ARG A 98 9.10 -13.19 -3.56
C ARG A 98 9.74 -14.56 -3.74
N ARG A 99 11.01 -14.68 -3.38
CA ARG A 99 11.76 -15.91 -3.64
C ARG A 99 11.54 -16.96 -2.56
N THR A 100 10.97 -16.56 -1.43
CA THR A 100 10.74 -17.39 -0.27
C THR A 100 9.33 -17.18 0.30
N GLY A 101 8.92 -18.05 1.23
CA GLY A 101 7.61 -17.83 1.88
C GLY A 101 7.74 -16.98 3.13
N ALA A 102 8.91 -16.35 3.32
CA ALA A 102 9.11 -15.60 4.56
C ALA A 102 8.14 -14.44 4.69
N LYS A 103 7.84 -14.06 5.92
CA LYS A 103 7.00 -12.88 6.16
C LYS A 103 7.79 -11.89 7.02
N VAL A 104 7.44 -10.61 6.91
CA VAL A 104 8.18 -9.55 7.58
C VAL A 104 7.41 -9.01 8.78
N ALA A 105 8.08 -8.93 9.94
CA ALA A 105 7.44 -8.27 11.07
C ALA A 105 8.22 -6.98 11.35
N ALA A 106 7.50 -5.93 11.73
CA ALA A 106 8.16 -4.64 11.97
C ALA A 106 7.23 -3.73 12.74
N ASN A 107 7.74 -2.65 13.30
CA ASN A 107 6.88 -1.68 13.95
C ASN A 107 6.27 -0.73 12.89
N ALA A 108 5.37 0.16 13.26
CA ALA A 108 4.68 1.06 12.33
C ALA A 108 5.64 1.94 11.55
N GLU A 109 6.47 2.72 12.24
CA GLU A 109 7.47 3.53 11.56
C GLU A 109 8.33 2.75 10.58
N SER A 110 8.84 1.57 10.93
CA SER A 110 9.67 0.78 10.02
C SER A 110 8.85 0.16 8.91
N ALA A 111 7.58 -0.07 9.19
CA ALA A 111 6.70 -0.61 8.16
C ALA A 111 6.41 0.44 7.07
N VAL A 112 6.17 1.68 7.43
CA VAL A 112 5.89 2.68 6.38
C VAL A 112 7.16 3.05 5.62
N LEU A 113 8.31 3.07 6.30
CA LEU A 113 9.56 3.37 5.60
C LEU A 113 9.99 2.24 4.67
N LEU A 114 9.67 1.00 5.03
CA LEU A 114 9.96 -0.13 4.15
C LEU A 114 9.05 -0.17 2.93
N ALA A 115 7.78 0.17 3.16
CA ALA A 115 6.76 0.15 2.12
C ALA A 115 7.02 1.21 1.04
N ARG A 116 7.83 2.21 1.37
CA ARG A 116 8.12 3.24 0.38
C ARG A 116 9.59 3.24 -0.02
N GLY A 117 10.20 2.05 0.03
CA GLY A 117 11.55 1.81 -0.42
C GLY A 117 12.62 2.70 0.15
N GLY A 118 12.36 3.38 1.27
CA GLY A 118 13.35 4.25 1.87
C GLY A 118 13.22 5.70 1.45
N SER A 119 12.38 5.97 0.45
CA SER A 119 12.22 7.32 -0.07
C SER A 119 11.59 8.25 0.96
N ASP A 120 11.79 9.55 0.75
CA ASP A 120 11.27 10.57 1.67
C ASP A 120 11.79 10.26 3.06
N ASP A 121 13.12 10.08 3.12
CA ASP A 121 13.82 9.89 4.38
C ASP A 121 13.84 11.21 5.15
N LEU A 122 13.62 11.12 6.47
CA LEU A 122 13.63 12.31 7.30
C LEU A 122 14.90 13.15 7.15
N HIS A 123 16.00 12.53 6.73
CA HIS A 123 17.29 13.19 6.60
C HIS A 123 17.96 13.03 5.25
N PHE A 124 17.73 11.92 4.54
CA PHE A 124 18.47 11.65 3.31
C PHE A 124 17.61 11.91 2.07
N GLY A 125 16.29 12.00 2.23
CA GLY A 125 15.32 12.29 1.18
C GLY A 125 14.99 11.15 0.26
N ASP A 126 15.63 11.10 -0.91
CA ASP A 126 15.43 10.06 -1.92
C ASP A 126 16.77 9.61 -2.51
N GLY A 127 17.85 9.81 -1.79
CA GLY A 127 19.19 9.43 -2.19
C GLY A 127 19.53 7.96 -1.99
N ILE A 128 18.76 7.25 -1.18
CA ILE A 128 18.95 5.80 -1.04
C ILE A 128 17.59 5.10 -1.03
N THR A 129 17.12 4.77 -2.24
CA THR A 129 15.86 4.01 -2.29
C THR A 129 16.16 2.57 -2.68
N TYR A 130 15.32 1.63 -2.24
CA TYR A 130 15.46 0.22 -2.58
C TYR A 130 14.06 -0.34 -2.83
N PRO A 131 13.92 -1.45 -3.54
CA PRO A 131 12.59 -2.07 -3.71
C PRO A 131 11.78 -2.15 -2.41
N PRO A 132 10.67 -1.41 -2.37
CA PRO A 132 9.78 -1.41 -1.20
C PRO A 132 9.16 -2.77 -0.92
N ALA A 133 8.55 -2.88 0.27
CA ALA A 133 7.92 -4.13 0.69
C ALA A 133 6.89 -3.90 1.79
N ASN A 134 5.91 -4.80 1.85
CA ASN A 134 4.88 -4.77 2.87
C ASN A 134 5.20 -5.65 4.07
N ALA A 135 5.13 -5.03 5.26
CA ALA A 135 5.22 -5.79 6.50
C ALA A 135 3.93 -6.61 6.65
N ASP A 136 4.08 -7.89 6.96
CA ASP A 136 2.90 -8.75 7.13
C ASP A 136 2.34 -8.65 8.53
N ARG A 137 3.17 -8.19 9.47
CA ARG A 137 2.77 -8.10 10.88
C ARG A 137 3.41 -6.88 11.54
N ILE A 138 2.57 -6.07 12.17
CA ILE A 138 3.05 -4.88 12.88
C ILE A 138 3.16 -5.18 14.37
N VAL A 139 4.21 -4.69 15.00
CA VAL A 139 4.52 -5.07 16.37
C VAL A 139 4.75 -3.87 17.26
N MET A 140 4.23 -3.93 18.49
CA MET A 140 4.42 -2.85 19.45
C MET A 140 5.70 -3.06 20.25
N ASP A 141 6.07 -2.06 21.04
CA ASP A 141 7.32 -2.16 21.78
C ASP A 141 7.24 -3.25 22.86
N GLY A 142 8.28 -4.08 22.93
CA GLY A 142 8.32 -5.16 23.88
C GLY A 142 7.51 -6.37 23.44
N GLU A 143 7.02 -6.38 22.21
CA GLU A 143 6.27 -7.53 21.73
C GLU A 143 7.22 -8.68 21.40
N VAL A 144 6.82 -9.89 21.79
CA VAL A 144 7.63 -11.08 21.57
C VAL A 144 7.07 -11.93 20.44
N ILE A 145 7.97 -12.50 19.67
CA ILE A 145 7.61 -13.40 18.58
C ILE A 145 8.31 -14.74 18.83
N THR A 146 7.60 -15.85 18.73
CA THR A 146 8.24 -17.14 18.98
C THR A 146 8.28 -18.01 17.73
N VAL A 147 9.49 -18.37 17.33
CA VAL A 147 9.71 -19.30 16.23
C VAL A 147 10.37 -20.58 16.76
N GLY A 148 9.64 -21.70 16.74
CA GLY A 148 10.18 -22.97 17.19
C GLY A 148 10.70 -22.91 18.61
N GLY A 149 9.82 -22.56 19.55
CA GLY A 149 10.15 -22.50 20.97
C GLY A 149 11.05 -21.35 21.33
N ILE A 150 11.72 -20.78 20.35
CA ILE A 150 12.61 -19.61 20.57
C ILE A 150 11.78 -18.31 20.59
N VAL A 151 12.15 -17.37 21.47
CA VAL A 151 11.36 -16.14 21.59
C VAL A 151 12.22 -14.93 21.25
N PHE A 152 11.67 -14.09 20.38
CA PHE A 152 12.31 -12.84 19.97
C PHE A 152 11.58 -11.67 20.60
N THR A 153 12.31 -10.72 21.18
CA THR A 153 11.67 -9.56 21.80
C THR A 153 12.18 -8.26 21.17
N ALA A 154 11.21 -7.44 20.77
CA ALA A 154 11.42 -6.17 20.11
C ALA A 154 11.55 -5.03 21.12
N HIS A 155 12.68 -4.33 21.04
CA HIS A 155 12.94 -3.17 21.87
C HIS A 155 13.09 -1.94 21.00
N PHE A 156 12.10 -1.04 21.04
CA PHE A 156 12.15 0.17 20.23
C PHE A 156 13.26 1.09 20.73
N MET A 157 14.07 1.59 19.80
CA MET A 157 15.16 2.49 20.14
C MET A 157 15.30 3.61 19.12
N ALA A 158 14.21 4.30 18.88
CA ALA A 158 14.03 5.45 18.01
C ALA A 158 15.20 6.43 17.98
N GLY A 159 15.59 6.85 16.78
CA GLY A 159 16.62 7.85 16.62
C GLY A 159 17.23 7.86 15.24
N HIS A 160 18.16 6.96 15.01
CA HIS A 160 18.82 6.76 13.72
C HIS A 160 17.78 6.80 12.58
N THR A 161 16.72 6.08 12.85
CA THR A 161 15.43 6.05 12.20
C THR A 161 14.38 5.96 13.31
N PRO A 162 13.21 6.56 13.10
CA PRO A 162 12.17 6.53 14.15
C PRO A 162 11.62 5.12 14.37
N GLY A 163 11.91 4.21 13.43
CA GLY A 163 11.40 2.85 13.59
C GLY A 163 12.42 1.89 14.18
N SER A 164 13.64 2.39 14.33
CA SER A 164 14.80 1.67 14.81
C SER A 164 14.44 0.73 15.96
N THR A 165 14.74 -0.55 15.76
CA THR A 165 14.40 -1.62 16.68
C THR A 165 15.63 -2.43 17.09
N ALA A 166 15.69 -2.81 18.37
CA ALA A 166 16.67 -3.76 18.88
C ALA A 166 15.99 -5.13 19.06
N TRP A 167 16.62 -6.19 18.58
CA TRP A 167 16.04 -7.52 18.70
C TRP A 167 16.85 -8.40 19.64
N THR A 168 16.15 -9.06 20.57
CA THR A 168 16.80 -9.96 21.51
C THR A 168 16.16 -11.35 21.51
N TRP A 169 17.05 -12.33 21.59
CA TRP A 169 16.77 -13.74 21.79
C TRP A 169 17.95 -14.37 22.54
N THR A 170 17.75 -15.60 23.01
CA THR A 170 18.86 -16.32 23.63
C THR A 170 19.04 -17.69 22.94
N ASP A 171 20.28 -17.96 22.59
CA ASP A 171 20.67 -19.26 22.05
C ASP A 171 21.50 -20.03 23.07
N THR A 172 22.56 -20.72 22.60
CA THR A 172 23.56 -21.40 23.41
C THR A 172 24.90 -21.38 22.66
N ARG A 173 25.97 -20.89 23.29
CA ARG A 173 27.24 -20.86 22.57
C ARG A 173 28.05 -22.12 22.83
N ASN A 174 27.71 -22.83 23.94
CA ASN A 174 28.41 -24.07 24.29
C ASN A 174 27.44 -25.07 24.90
N GLY A 175 26.19 -25.05 24.41
CA GLY A 175 25.11 -25.74 25.12
C GLY A 175 24.99 -25.09 26.52
N LYS A 176 25.30 -23.78 26.47
CA LYS A 176 25.60 -22.86 27.54
C LYS A 176 25.11 -21.46 27.16
N PRO A 177 23.82 -21.27 27.43
CA PRO A 177 23.03 -20.07 27.11
C PRO A 177 23.82 -18.78 26.99
N VAL A 178 23.69 -18.15 25.82
CA VAL A 178 24.18 -16.79 25.60
C VAL A 178 23.01 -15.86 25.25
N ARG A 179 23.02 -14.69 25.84
CA ARG A 179 21.99 -13.70 25.52
C ARG A 179 22.42 -12.92 24.27
N ILE A 180 21.66 -13.10 23.21
CA ILE A 180 22.00 -12.42 21.95
C ILE A 180 21.21 -11.11 21.83
N ALA A 181 21.93 -10.04 21.57
CA ALA A 181 21.35 -8.71 21.38
C ALA A 181 21.75 -8.16 20.02
N TYR A 182 20.77 -8.07 19.13
CA TYR A 182 20.98 -7.38 17.86
C TYR A 182 20.38 -5.98 17.99
N ALA A 183 21.27 -4.99 18.15
CA ALA A 183 20.78 -3.63 18.33
C ALA A 183 21.14 -2.77 17.12
N ASP A 184 20.18 -1.91 16.76
CA ASP A 184 20.34 -1.05 15.59
C ASP A 184 21.37 0.04 15.84
N SER A 185 21.78 0.74 14.78
CA SER A 185 22.72 1.83 14.93
C SER A 185 22.18 2.90 15.88
N LEU A 186 23.08 3.64 16.51
CA LEU A 186 22.63 4.73 17.39
C LEU A 186 23.25 6.04 16.92
N SER A 187 23.75 6.02 15.69
CA SER A 187 24.37 7.13 14.99
C SER A 187 23.37 8.12 14.42
N ALA A 188 23.90 9.28 14.04
CA ALA A 188 23.13 10.37 13.46
C ALA A 188 23.95 11.06 12.35
N PRO A 189 24.33 10.28 11.34
CA PRO A 189 25.29 10.68 10.32
C PRO A 189 24.91 11.95 9.57
N GLY A 190 25.29 13.10 10.12
CA GLY A 190 25.00 14.35 9.46
C GLY A 190 23.56 14.79 9.65
N TYR A 191 22.92 14.23 10.68
CA TYR A 191 21.56 14.57 11.05
C TYR A 191 21.45 15.93 11.72
N GLN A 192 20.47 16.74 11.31
CA GLN A 192 20.14 17.96 12.05
C GLN A 192 19.51 17.52 13.37
N LEU A 193 20.15 17.77 14.50
CA LEU A 193 19.62 17.30 15.77
C LEU A 193 18.59 18.27 16.34
N GLN A 194 19.09 19.39 16.86
CA GLN A 194 18.15 20.31 17.49
C GLN A 194 17.53 21.27 16.47
N GLY A 195 16.20 21.38 16.54
CA GLY A 195 15.43 22.26 15.69
C GLY A 195 15.01 21.60 14.38
N ASN A 196 14.95 20.27 14.36
CA ASN A 196 14.65 19.59 13.11
C ASN A 196 13.14 19.41 12.95
N PRO A 197 12.59 20.03 11.91
CA PRO A 197 11.14 20.07 11.69
C PRO A 197 10.57 18.70 11.33
N ARG A 198 11.42 17.90 10.71
CA ARG A 198 11.09 16.51 10.34
C ARG A 198 11.16 15.59 11.57
N TYR A 199 11.88 16.04 12.59
CA TYR A 199 12.09 15.27 13.81
C TYR A 199 12.20 16.21 15.00
N PRO A 200 11.12 16.93 15.28
CA PRO A 200 11.14 17.88 16.40
C PRO A 200 11.63 17.26 17.70
N HIS A 201 11.33 16.00 17.99
CA HIS A 201 11.76 15.40 19.25
C HIS A 201 12.86 14.37 19.08
N LEU A 202 13.85 14.66 18.25
CA LEU A 202 14.91 13.71 17.93
C LEU A 202 15.81 13.47 19.13
N ILE A 203 16.08 14.54 19.86
CA ILE A 203 17.01 14.51 20.98
C ILE A 203 16.53 13.64 22.13
N GLU A 204 15.25 13.75 22.49
CA GLU A 204 14.71 12.96 23.60
C GLU A 204 14.49 11.50 23.24
N ASP A 205 14.33 11.22 21.95
CA ASP A 205 14.19 9.83 21.52
C ASP A 205 15.53 9.10 21.64
N TYR A 206 16.58 9.71 21.07
CA TYR A 206 17.91 9.13 21.11
C TYR A 206 18.29 8.80 22.57
N ARG A 207 18.26 9.83 23.39
CA ARG A 207 18.57 9.73 24.82
C ARG A 207 17.93 8.51 25.45
N ARG A 208 16.61 8.37 25.37
CA ARG A 208 15.96 7.19 25.96
C ARG A 208 16.41 5.93 25.23
N SER A 209 16.87 6.08 23.99
CA SER A 209 17.32 4.95 23.17
C SER A 209 18.63 4.36 23.72
N PHE A 210 19.51 5.26 24.13
CA PHE A 210 20.76 4.86 24.78
C PHE A 210 20.46 4.01 26.02
N ALA A 211 19.62 4.56 26.89
CA ALA A 211 19.25 3.91 28.14
C ALA A 211 18.51 2.59 27.88
N THR A 212 18.01 2.42 26.68
CA THR A 212 17.32 1.20 26.28
C THR A 212 18.31 0.12 25.89
N VAL A 213 19.26 0.48 25.02
CA VAL A 213 20.26 -0.51 24.58
C VAL A 213 21.12 -0.96 25.76
N ARG A 214 21.55 -0.03 26.59
CA ARG A 214 22.39 -0.30 27.74
C ARG A 214 21.96 -1.50 28.56
N ALA A 215 20.67 -1.61 28.87
CA ALA A 215 20.16 -2.59 29.81
C ALA A 215 19.59 -3.84 29.15
N LEU A 216 19.90 -4.10 27.88
CA LEU A 216 19.36 -5.30 27.27
C LEU A 216 20.00 -6.56 27.86
N PRO A 217 19.25 -7.66 27.97
CA PRO A 217 19.92 -8.93 28.33
C PRO A 217 20.98 -9.18 27.25
N CYS A 218 22.26 -9.13 27.63
CA CYS A 218 23.27 -8.99 26.59
C CYS A 218 24.61 -9.67 26.89
N ASP A 219 24.67 -10.98 26.68
CA ASP A 219 25.97 -11.63 26.75
C ASP A 219 26.67 -11.44 25.40
N VAL A 220 25.91 -11.64 24.32
CA VAL A 220 26.44 -11.44 22.98
C VAL A 220 25.77 -10.25 22.28
N LEU A 221 26.59 -9.29 21.82
CA LEU A 221 26.13 -8.10 21.11
C LEU A 221 26.50 -8.15 19.64
N LEU A 222 25.58 -7.68 18.80
CA LEU A 222 25.78 -7.58 17.37
C LEU A 222 25.14 -6.31 16.84
N THR A 223 25.81 -5.65 15.89
CA THR A 223 25.24 -4.45 15.29
C THR A 223 25.19 -4.54 13.76
N PRO A 224 24.22 -3.85 13.14
CA PRO A 224 24.05 -3.84 11.68
C PRO A 224 25.38 -3.64 10.97
N HIS A 225 26.13 -2.67 11.47
CA HIS A 225 27.51 -2.43 11.10
C HIS A 225 28.43 -3.03 12.18
N PRO A 226 29.04 -4.17 11.84
CA PRO A 226 30.05 -4.76 12.73
C PRO A 226 31.00 -3.71 13.31
N GLY A 227 31.43 -2.76 12.49
CA GLY A 227 32.39 -1.73 12.85
C GLY A 227 31.96 -0.74 13.91
N ALA A 228 30.87 -1.03 14.62
CA ALA A 228 30.36 -0.15 15.66
C ALA A 228 30.37 -0.86 17.02
N SER A 229 30.35 -2.19 16.99
CA SER A 229 30.41 -2.97 18.22
C SER A 229 31.69 -3.83 18.23
N ASN A 230 32.74 -3.27 17.66
CA ASN A 230 34.08 -3.81 17.50
C ASN A 230 34.11 -5.31 17.17
N TRP A 231 33.52 -5.66 16.04
CA TRP A 231 33.56 -7.01 15.50
C TRP A 231 34.48 -7.06 14.29
N ASP A 232 34.94 -8.26 13.94
CA ASP A 232 35.76 -8.47 12.75
C ASP A 232 35.36 -9.82 12.15
N TYR A 233 34.44 -9.77 11.19
CA TYR A 233 33.90 -10.99 10.62
C TYR A 233 34.95 -11.84 9.94
N ALA A 234 36.13 -11.28 9.70
CA ALA A 234 37.22 -12.06 9.11
C ALA A 234 37.88 -12.97 10.15
N ALA A 235 37.89 -12.56 11.41
CA ALA A 235 38.63 -13.24 12.49
C ALA A 235 38.08 -14.64 12.81
N GLY A 236 37.08 -15.11 12.05
CA GLY A 236 36.53 -16.44 12.11
C GLY A 236 36.31 -17.00 13.50
N ALA A 237 37.38 -17.55 14.10
CA ALA A 237 37.28 -18.21 15.40
C ALA A 237 36.99 -17.23 16.54
N ARG A 238 37.66 -16.09 16.51
CA ARG A 238 37.43 -15.04 17.49
C ARG A 238 36.43 -14.02 16.97
N ALA A 239 36.82 -13.14 16.04
CA ALA A 239 35.93 -12.18 15.38
C ALA A 239 35.16 -11.30 16.37
N GLY A 240 34.16 -11.89 17.04
CA GLY A 240 33.40 -11.21 18.09
C GLY A 240 34.01 -11.52 19.44
N ALA A 241 35.30 -11.18 19.58
CA ALA A 241 36.10 -11.49 20.76
C ALA A 241 36.65 -10.19 21.39
N LYS A 242 36.76 -9.17 20.56
CA LYS A 242 37.15 -7.84 21.04
C LYS A 242 35.92 -6.93 20.90
N ALA A 243 34.76 -7.54 20.99
CA ALA A 243 33.44 -6.95 20.77
C ALA A 243 32.88 -6.30 22.04
N LEU A 244 32.48 -5.05 21.91
CA LEU A 244 31.88 -4.27 22.98
C LEU A 244 30.63 -4.97 23.52
N THR A 245 30.27 -4.58 24.74
CA THR A 245 29.06 -5.05 25.42
C THR A 245 27.92 -4.06 25.13
N CYS A 246 26.70 -4.43 25.50
CA CYS A 246 25.60 -3.50 25.23
C CYS A 246 25.87 -2.16 25.91
N LYS A 247 26.29 -2.19 27.18
CA LYS A 247 26.57 -0.99 27.96
C LYS A 247 27.62 -0.12 27.28
N ALA A 248 28.66 -0.77 26.73
CA ALA A 248 29.74 -0.07 26.05
C ALA A 248 29.27 0.55 24.74
N TYR A 249 28.52 -0.20 23.95
CA TYR A 249 27.91 0.34 22.73
C TYR A 249 27.07 1.59 23.06
N ALA A 250 25.96 1.35 23.77
CA ALA A 250 25.09 2.43 24.25
C ALA A 250 25.86 3.64 24.72
N ASP A 251 26.78 3.44 25.67
CA ASP A 251 27.54 4.55 26.24
C ASP A 251 28.42 5.26 25.19
N ALA A 252 28.96 4.48 24.26
CA ALA A 252 29.85 5.02 23.24
C ALA A 252 29.12 5.92 22.24
N ALA A 253 27.83 5.66 22.02
CA ALA A 253 27.01 6.40 21.06
C ALA A 253 26.58 7.75 21.60
N GLU A 254 26.04 7.75 22.82
CA GLU A 254 25.68 9.02 23.46
C GLU A 254 26.91 9.89 23.65
N GLN A 255 28.06 9.23 23.81
CA GLN A 255 29.30 10.02 23.90
C GLN A 255 29.50 10.74 22.56
N LYS A 256 29.52 9.93 21.50
CA LYS A 256 29.64 10.43 20.15
C LYS A 256 28.54 11.44 19.82
N PHE A 257 27.34 11.10 20.27
CA PHE A 257 26.11 11.86 20.18
C PHE A 257 26.21 13.21 20.90
N ASP A 258 26.59 13.17 22.18
CA ASP A 258 26.74 14.37 23.00
C ASP A 258 27.85 15.28 22.49
N GLY A 259 28.70 14.71 21.62
CA GLY A 259 29.74 15.49 20.96
C GLY A 259 29.17 16.25 19.77
N GLN A 260 28.27 15.63 19.06
CA GLN A 260 27.59 16.16 17.89
C GLN A 260 26.67 17.33 18.22
N LEU A 261 25.86 17.15 19.27
CA LEU A 261 24.97 18.20 19.75
C LEU A 261 25.76 19.46 20.12
N ALA A 262 26.80 19.25 20.92
CA ALA A 262 27.70 20.34 21.34
C ALA A 262 28.09 21.23 20.17
N LYS A 263 28.61 20.58 19.12
CA LYS A 263 28.99 21.25 17.88
C LYS A 263 27.78 22.01 17.32
N GLU A 264 26.75 21.25 17.00
CA GLU A 264 25.54 21.84 16.42
C GLU A 264 25.17 23.12 17.17
N THR A 265 25.12 22.96 18.50
CA THR A 265 24.78 24.13 19.32
C THR A 265 25.74 25.27 19.05
N ALA A 266 26.72 25.48 19.94
CA ALA A 266 27.74 26.51 19.71
C ALA A 266 28.92 25.92 18.95
N GLY A 267 28.82 25.97 17.61
CA GLY A 267 29.84 25.41 16.73
C GLY A 267 29.24 24.94 15.42
N PRO B 20 17.60 19.67 -19.13
CA PRO B 20 17.61 21.04 -18.62
C PRO B 20 17.26 22.02 -19.74
N MET B 21 16.06 21.86 -20.28
CA MET B 21 15.55 22.71 -21.34
C MET B 21 14.41 23.59 -20.83
N ALA B 22 14.38 24.84 -21.27
CA ALA B 22 13.26 25.74 -20.92
C ALA B 22 11.99 25.22 -21.59
N PRO B 23 10.82 25.66 -21.12
CA PRO B 23 9.57 25.18 -21.72
C PRO B 23 9.56 25.28 -23.24
N LEU B 24 8.92 24.31 -23.87
CA LEU B 24 8.80 24.18 -25.31
C LEU B 24 7.32 24.08 -25.71
N GLN B 25 6.80 25.16 -26.25
CA GLN B 25 5.41 25.28 -26.71
C GLN B 25 5.09 24.29 -27.82
N ILE B 26 4.06 23.47 -27.60
CA ILE B 26 3.63 22.44 -28.55
C ILE B 26 2.29 22.82 -29.19
N ALA B 27 1.48 23.58 -28.42
CA ALA B 27 0.19 24.07 -28.83
C ALA B 27 -0.19 25.24 -27.96
N ASP B 28 -1.49 25.63 -27.92
CA ASP B 28 -1.78 26.86 -27.18
C ASP B 28 -1.48 26.72 -25.69
N HIS B 29 -1.84 25.60 -25.08
CA HIS B 29 -1.65 25.42 -23.64
C HIS B 29 -0.95 24.11 -23.29
N THR B 30 -0.15 23.57 -24.21
CA THR B 30 0.57 22.35 -24.00
C THR B 30 2.06 22.56 -24.23
N TRP B 31 2.88 22.31 -23.22
CA TRP B 31 4.31 22.57 -23.26
C TRP B 31 5.18 21.37 -22.91
N GLN B 32 6.38 21.34 -23.46
CA GLN B 32 7.37 20.35 -23.03
C GLN B 32 8.30 21.01 -22.00
N ILE B 33 8.13 20.66 -20.73
CA ILE B 33 8.95 21.21 -19.66
C ILE B 33 10.02 20.24 -19.17
N GLY B 34 10.32 19.22 -19.95
CA GLY B 34 11.26 18.20 -19.52
C GLY B 34 12.68 18.50 -19.93
N THR B 35 13.27 17.53 -20.64
CA THR B 35 14.61 17.68 -21.20
C THR B 35 14.65 17.19 -22.66
N GLU B 36 15.76 17.43 -23.34
CA GLU B 36 15.93 17.01 -24.74
C GLU B 36 15.49 15.56 -24.94
N ASP B 37 16.03 14.68 -24.11
CA ASP B 37 15.82 13.25 -24.24
C ASP B 37 14.54 12.72 -23.63
N LEU B 38 13.89 13.42 -22.70
CA LEU B 38 12.68 12.87 -22.07
C LEU B 38 11.53 13.89 -21.95
N THR B 39 10.36 13.42 -22.31
CA THR B 39 9.13 14.13 -22.50
C THR B 39 8.22 14.28 -21.29
N ALA B 40 8.14 15.49 -20.74
CA ALA B 40 7.19 15.81 -19.68
C ALA B 40 6.25 16.94 -20.11
N LEU B 41 4.95 16.65 -20.28
CA LEU B 41 3.99 17.59 -20.82
C LEU B 41 3.14 18.29 -19.78
N LEU B 42 3.07 19.61 -19.89
CA LEU B 42 2.24 20.41 -19.01
C LEU B 42 1.04 20.92 -19.81
N VAL B 43 -0.16 20.52 -19.40
CA VAL B 43 -1.38 20.96 -20.06
C VAL B 43 -2.13 21.91 -19.13
N GLN B 44 -2.00 23.22 -19.40
CA GLN B 44 -2.60 24.20 -18.49
C GLN B 44 -4.05 24.45 -18.89
N THR B 45 -4.92 24.44 -17.89
CA THR B 45 -6.36 24.55 -18.09
C THR B 45 -6.95 25.59 -17.13
N PRO B 46 -8.14 26.07 -17.48
CA PRO B 46 -8.87 27.06 -16.70
C PRO B 46 -8.79 26.71 -15.22
N ASP B 47 -9.09 25.42 -15.01
CA ASP B 47 -8.97 24.84 -13.68
C ASP B 47 -7.73 23.95 -13.64
N GLY B 48 -6.67 24.51 -13.07
CA GLY B 48 -5.40 23.87 -12.80
C GLY B 48 -4.70 23.25 -13.99
N ALA B 49 -3.40 23.00 -13.84
CA ALA B 49 -2.60 22.33 -14.85
C ALA B 49 -2.53 20.82 -14.61
N VAL B 50 -2.34 20.08 -15.70
CA VAL B 50 -2.21 18.64 -15.76
C VAL B 50 -0.80 18.31 -16.20
N LEU B 51 -0.16 17.29 -15.62
CA LEU B 51 1.19 16.93 -16.05
C LEU B 51 1.22 15.47 -16.51
N LEU B 52 2.01 15.25 -17.56
CA LEU B 52 2.09 13.94 -18.20
C LEU B 52 3.53 13.46 -18.21
N ASP B 53 3.80 12.38 -17.45
CA ASP B 53 5.17 11.93 -17.21
C ASP B 53 6.00 13.05 -16.59
N GLY B 54 7.07 12.63 -15.91
CA GLY B 54 7.90 13.62 -15.22
C GLY B 54 9.37 13.45 -15.51
N GLY B 55 9.72 12.34 -16.17
CA GLY B 55 11.11 12.06 -16.48
C GLY B 55 11.81 11.26 -15.38
N MET B 56 13.10 11.54 -15.17
CA MET B 56 13.97 10.88 -14.21
C MET B 56 13.71 11.33 -12.79
N PRO B 57 13.91 10.43 -11.82
CA PRO B 57 13.59 10.71 -10.42
C PRO B 57 14.12 12.05 -9.92
N GLN B 58 15.27 12.47 -10.44
CA GLN B 58 15.86 13.70 -9.90
C GLN B 58 15.32 14.94 -10.61
N MET B 59 14.33 14.78 -11.47
CA MET B 59 13.87 15.87 -12.32
C MET B 59 12.72 16.67 -11.73
N ALA B 60 12.42 16.46 -10.45
CA ALA B 60 11.27 17.12 -9.84
C ALA B 60 11.45 18.64 -9.73
N SER B 61 12.62 19.12 -9.32
CA SER B 61 12.75 20.56 -9.08
C SER B 61 12.79 21.35 -10.39
N HIS B 62 13.49 20.83 -11.41
CA HIS B 62 13.49 21.36 -12.76
C HIS B 62 12.08 21.56 -13.29
N LEU B 63 11.22 20.52 -13.21
CA LEU B 63 9.84 20.67 -13.65
C LEU B 63 9.16 21.82 -12.90
N LEU B 64 9.17 21.71 -11.57
CA LEU B 64 8.51 22.72 -10.75
C LEU B 64 8.97 24.13 -11.13
N ASP B 65 10.24 24.22 -11.48
CA ASP B 65 10.81 25.49 -11.95
C ASP B 65 10.17 25.87 -13.30
N ASN B 66 10.20 24.92 -14.23
CA ASN B 66 9.55 25.18 -15.51
C ASN B 66 8.08 25.52 -15.34
N MET B 67 7.47 24.93 -14.30
CA MET B 67 6.05 25.18 -14.06
C MET B 67 5.86 26.61 -13.53
N LYS B 68 6.89 27.13 -12.85
CA LYS B 68 6.82 28.48 -12.34
C LYS B 68 6.99 29.46 -13.51
N ALA B 69 7.81 29.06 -14.48
CA ALA B 69 8.06 29.86 -15.67
C ALA B 69 6.85 29.85 -16.64
N ARG B 70 5.73 29.30 -16.19
CA ARG B 70 4.48 29.24 -16.94
C ARG B 70 3.30 29.59 -16.06
N GLY B 71 3.58 30.21 -14.89
CA GLY B 71 2.51 30.65 -14.01
C GLY B 71 1.78 29.52 -13.31
N VAL B 72 2.42 28.35 -13.19
CA VAL B 72 1.77 27.27 -12.45
C VAL B 72 2.51 27.01 -11.14
N THR B 73 1.90 27.49 -10.05
CA THR B 73 2.43 27.27 -8.71
C THR B 73 2.05 25.85 -8.27
N PRO B 74 2.88 25.25 -7.40
CA PRO B 74 2.67 23.89 -6.92
C PRO B 74 1.21 23.55 -6.63
N ARG B 75 0.48 24.52 -6.09
CA ARG B 75 -0.95 24.31 -5.79
C ARG B 75 -1.79 24.32 -7.05
N ASP B 76 -1.22 24.80 -8.14
CA ASP B 76 -1.90 24.88 -9.42
C ASP B 76 -1.79 23.54 -10.17
N LEU B 77 -0.84 22.72 -9.75
CA LEU B 77 -0.77 21.35 -10.29
C LEU B 77 -1.89 20.52 -9.68
N ARG B 78 -2.70 19.93 -10.53
CA ARG B 78 -3.90 19.25 -10.06
C ARG B 78 -3.85 17.74 -10.31
N LEU B 79 -3.42 17.40 -11.52
CA LEU B 79 -3.46 16.01 -12.00
C LEU B 79 -2.16 15.59 -12.63
N ILE B 80 -1.73 14.37 -12.32
CA ILE B 80 -0.56 13.78 -12.96
C ILE B 80 -0.99 12.52 -13.72
N LEU B 81 -0.57 12.43 -14.97
CA LEU B 81 -0.93 11.27 -15.79
C LEU B 81 0.35 10.57 -16.20
N LEU B 82 0.28 9.34 -16.69
CA LEU B 82 1.53 8.68 -17.04
C LEU B 82 1.44 7.87 -18.32
N SER B 83 2.54 7.91 -19.08
CA SER B 83 2.64 6.97 -20.20
C SER B 83 2.75 5.56 -19.61
N HIS B 84 3.81 5.32 -18.84
CA HIS B 84 3.98 4.06 -18.10
C HIS B 84 4.93 4.24 -16.93
N ALA B 85 4.89 3.33 -15.96
CA ALA B 85 5.54 3.61 -14.68
C ALA B 85 6.97 3.09 -14.57
N HIS B 86 7.79 3.45 -15.56
CA HIS B 86 9.24 3.22 -15.50
C HIS B 86 9.96 4.46 -14.97
N ALA B 87 11.13 4.22 -14.40
CA ALA B 87 11.95 5.22 -13.72
C ALA B 87 12.21 6.48 -14.53
N ASN B 88 12.54 6.34 -15.81
CA ASN B 88 12.93 7.50 -16.59
C ASN B 88 11.73 8.28 -17.13
N HIS B 89 10.54 7.91 -16.66
CA HIS B 89 9.32 8.57 -17.09
C HIS B 89 8.47 8.95 -15.89
N ALA B 90 8.42 8.08 -14.87
CA ALA B 90 7.60 8.35 -13.68
C ALA B 90 8.44 8.65 -12.47
N GLY B 91 9.74 8.80 -12.68
CA GLY B 91 10.70 8.99 -11.61
C GLY B 91 10.33 9.92 -10.49
N PRO B 92 9.92 11.14 -10.78
CA PRO B 92 9.71 12.13 -9.71
C PRO B 92 8.25 12.30 -9.33
N VAL B 93 7.41 11.31 -9.63
CA VAL B 93 5.98 11.48 -9.31
C VAL B 93 5.73 11.60 -7.82
N ALA B 94 6.52 10.94 -6.97
CA ALA B 94 6.25 10.98 -5.53
C ALA B 94 6.69 12.30 -4.90
N GLU B 95 7.88 12.80 -5.25
CA GLU B 95 8.27 14.13 -4.79
C GLU B 95 7.28 15.20 -5.24
N LEU B 96 6.73 15.05 -6.45
CA LEU B 96 5.77 16.02 -6.96
C LEU B 96 4.49 16.01 -6.12
N LYS B 97 3.89 14.83 -5.94
CA LYS B 97 2.74 14.64 -5.08
C LYS B 97 2.98 15.23 -3.69
N ARG B 98 4.23 15.24 -3.26
CA ARG B 98 4.52 15.80 -1.94
C ARG B 98 4.66 17.32 -1.99
N ARG B 99 5.26 17.82 -3.07
CA ARG B 99 5.51 19.24 -3.16
C ARG B 99 4.37 20.03 -3.80
N THR B 100 3.33 19.35 -4.28
CA THR B 100 2.18 20.01 -4.90
C THR B 100 0.87 19.40 -4.39
N GLY B 101 -0.26 19.99 -4.76
CA GLY B 101 -1.57 19.43 -4.44
C GLY B 101 -2.09 18.50 -5.52
N ALA B 102 -1.17 17.91 -6.27
CA ALA B 102 -1.48 17.03 -7.39
C ALA B 102 -1.83 15.60 -6.98
N LYS B 103 -2.76 15.04 -7.75
CA LYS B 103 -3.23 13.67 -7.61
C LYS B 103 -2.90 12.89 -8.88
N VAL B 104 -2.78 11.58 -8.77
CA VAL B 104 -2.43 10.76 -9.93
C VAL B 104 -3.58 9.83 -10.30
N ALA B 105 -3.88 9.77 -11.59
CA ALA B 105 -4.84 8.82 -12.13
C ALA B 105 -4.06 7.89 -13.06
N ALA B 106 -4.31 6.58 -12.91
CA ALA B 106 -3.57 5.57 -13.67
C ALA B 106 -4.36 4.27 -13.66
N ASN B 107 -4.02 3.35 -14.56
CA ASN B 107 -4.72 2.07 -14.57
C ASN B 107 -4.18 1.13 -13.49
N ALA B 108 -4.82 -0.03 -13.34
CA ALA B 108 -4.46 -1.03 -12.34
C ALA B 108 -3.00 -1.46 -12.51
N GLU B 109 -2.64 -1.88 -13.71
CA GLU B 109 -1.27 -2.27 -14.00
C GLU B 109 -0.28 -1.20 -13.58
N SER B 110 -0.41 -0.01 -14.15
CA SER B 110 0.51 1.07 -13.82
C SER B 110 0.53 1.35 -12.32
N ALA B 111 -0.66 1.47 -11.73
CA ALA B 111 -0.71 1.77 -10.30
C ALA B 111 0.07 0.76 -9.47
N VAL B 112 0.04 -0.53 -9.84
CA VAL B 112 0.81 -1.45 -8.97
C VAL B 112 2.30 -1.30 -9.20
N LEU B 113 2.76 -1.23 -10.46
CA LEU B 113 4.19 -1.03 -10.70
C LEU B 113 4.68 0.26 -10.08
N LEU B 114 3.86 1.29 -10.08
CA LEU B 114 4.23 2.59 -9.53
C LEU B 114 4.29 2.53 -8.02
N ALA B 115 3.37 1.76 -7.43
CA ALA B 115 3.31 1.53 -6.00
C ALA B 115 4.53 0.74 -5.50
N ARG B 116 5.29 0.12 -6.41
CA ARG B 116 6.48 -0.57 -5.93
C ARG B 116 7.76 0.02 -6.50
N GLY B 117 7.72 1.26 -7.00
CA GLY B 117 8.89 1.96 -7.53
C GLY B 117 9.53 1.38 -8.76
N GLY B 118 8.81 0.60 -9.57
CA GLY B 118 9.44 0.09 -10.78
C GLY B 118 10.24 -1.17 -10.52
N SER B 119 10.08 -1.74 -9.33
CA SER B 119 10.70 -2.97 -8.87
C SER B 119 9.94 -4.19 -9.37
N ASP B 120 10.57 -5.35 -9.28
CA ASP B 120 10.04 -6.61 -9.78
C ASP B 120 9.44 -6.38 -11.18
N ASP B 121 10.26 -5.74 -12.00
CA ASP B 121 9.85 -5.50 -13.38
C ASP B 121 9.73 -6.83 -14.11
N LEU B 122 8.73 -6.98 -14.96
CA LEU B 122 8.55 -8.22 -15.72
C LEU B 122 9.77 -8.59 -16.54
N HIS B 123 10.59 -7.59 -16.90
CA HIS B 123 11.70 -7.79 -17.81
C HIS B 123 13.03 -7.25 -17.29
N PHE B 124 12.98 -6.20 -16.47
CA PHE B 124 14.19 -5.57 -15.94
C PHE B 124 14.41 -5.99 -14.48
N GLY B 125 13.52 -6.77 -13.91
CA GLY B 125 13.61 -7.16 -12.50
C GLY B 125 13.58 -5.96 -11.58
N ASP B 126 14.61 -5.84 -10.72
CA ASP B 126 14.79 -4.73 -9.81
C ASP B 126 16.02 -3.90 -10.16
N GLY B 127 16.46 -3.96 -11.41
CA GLY B 127 17.61 -3.14 -11.82
C GLY B 127 17.27 -1.66 -12.04
N ILE B 128 16.00 -1.34 -12.07
CA ILE B 128 15.53 0.04 -12.35
C ILE B 128 14.45 0.48 -11.35
N THR B 129 14.92 1.02 -10.21
CA THR B 129 14.06 1.33 -9.07
C THR B 129 13.97 2.83 -8.79
N TYR B 130 12.80 3.32 -8.40
CA TYR B 130 12.63 4.76 -8.12
C TYR B 130 11.67 4.95 -6.95
N PRO B 131 11.53 6.16 -6.42
CA PRO B 131 10.58 6.33 -5.31
C PRO B 131 9.17 5.87 -5.69
N PRO B 132 8.56 5.10 -4.80
CA PRO B 132 7.20 4.58 -4.95
C PRO B 132 6.17 5.66 -4.73
N ALA B 133 5.00 5.48 -5.35
CA ALA B 133 3.93 6.47 -5.20
C ALA B 133 2.58 5.76 -5.37
N ASN B 134 1.63 6.19 -4.55
CA ASN B 134 0.26 5.70 -4.62
C ASN B 134 -0.59 6.51 -5.60
N ALA B 135 -1.49 5.82 -6.28
CA ALA B 135 -2.41 6.41 -7.23
C ALA B 135 -3.67 6.88 -6.50
N ASP B 136 -4.19 8.06 -6.86
CA ASP B 136 -5.39 8.56 -6.18
C ASP B 136 -6.65 8.17 -6.92
N ARG B 137 -6.43 7.79 -8.17
CA ARG B 137 -7.56 7.42 -9.02
C ARG B 137 -7.18 6.31 -9.99
N ILE B 138 -8.07 5.33 -10.17
CA ILE B 138 -7.82 4.29 -11.15
C ILE B 138 -8.79 4.46 -12.32
N VAL B 139 -8.25 4.35 -13.52
CA VAL B 139 -8.99 4.51 -14.75
C VAL B 139 -9.11 3.20 -15.50
N MET B 140 -10.24 3.01 -16.18
CA MET B 140 -10.43 1.87 -17.06
C MET B 140 -10.09 2.27 -18.50
N ASP B 141 -10.05 1.31 -19.42
CA ASP B 141 -9.69 1.64 -20.79
C ASP B 141 -10.71 2.60 -21.41
N GLY B 142 -10.25 3.69 -22.02
CA GLY B 142 -11.17 4.62 -22.66
C GLY B 142 -11.96 5.44 -21.67
N GLU B 143 -11.47 5.57 -20.44
CA GLU B 143 -12.06 6.45 -19.44
C GLU B 143 -11.55 7.88 -19.66
N VAL B 144 -12.45 8.85 -19.52
CA VAL B 144 -12.13 10.25 -19.75
C VAL B 144 -12.05 11.01 -18.44
N ILE B 145 -11.10 11.92 -18.34
CA ILE B 145 -10.88 12.72 -17.14
C ILE B 145 -10.89 14.19 -17.50
N THR B 146 -11.88 14.96 -17.04
CA THR B 146 -11.87 16.37 -17.43
C THR B 146 -11.22 17.24 -16.37
N VAL B 147 -10.39 18.16 -16.87
CA VAL B 147 -9.79 19.22 -16.08
C VAL B 147 -10.02 20.56 -16.79
N GLY B 148 -10.83 21.43 -16.19
CA GLY B 148 -11.13 22.73 -16.76
C GLY B 148 -11.69 22.66 -18.16
N GLY B 149 -12.76 21.90 -18.36
CA GLY B 149 -13.41 21.74 -19.64
C GLY B 149 -12.64 20.89 -20.62
N ILE B 150 -11.35 20.68 -20.38
CA ILE B 150 -10.48 19.89 -21.25
C ILE B 150 -10.58 18.40 -20.92
N VAL B 151 -10.82 17.59 -21.94
CA VAL B 151 -11.05 16.16 -21.73
C VAL B 151 -9.83 15.32 -22.16
N PHE B 152 -9.35 14.51 -21.23
CA PHE B 152 -8.27 13.54 -21.43
C PHE B 152 -8.83 12.12 -21.40
N THR B 153 -8.61 11.39 -22.49
CA THR B 153 -9.10 10.02 -22.64
C THR B 153 -7.92 9.04 -22.59
N ALA B 154 -8.16 7.93 -21.91
CA ALA B 154 -7.16 6.88 -21.77
C ALA B 154 -7.37 5.79 -22.80
N HIS B 155 -6.29 5.45 -23.49
CA HIS B 155 -6.26 4.33 -24.42
C HIS B 155 -5.20 3.34 -23.96
N PHE B 156 -5.62 2.15 -23.51
CA PHE B 156 -4.64 1.19 -23.02
C PHE B 156 -3.89 0.60 -24.21
N MET B 157 -2.56 0.62 -24.14
CA MET B 157 -1.74 -0.01 -25.18
C MET B 157 -0.65 -0.89 -24.54
N ALA B 158 -1.13 -1.90 -23.82
CA ALA B 158 -0.33 -2.91 -23.15
C ALA B 158 0.81 -3.44 -24.01
N GLY B 159 2.05 -3.36 -23.50
CA GLY B 159 3.16 -3.92 -24.27
C GLY B 159 4.48 -3.62 -23.58
N HIS B 160 4.97 -2.40 -23.79
CA HIS B 160 6.22 -1.97 -23.20
C HIS B 160 6.26 -2.25 -21.69
N THR B 161 5.10 -2.08 -21.10
CA THR B 161 4.63 -2.48 -19.79
C THR B 161 3.15 -2.86 -19.93
N PRO B 162 2.65 -3.76 -19.09
CA PRO B 162 1.23 -4.11 -19.13
C PRO B 162 0.30 -2.90 -18.98
N GLY B 163 0.74 -1.85 -18.31
CA GLY B 163 -0.08 -0.70 -18.02
C GLY B 163 0.18 0.50 -18.92
N SER B 164 0.99 0.31 -19.96
CA SER B 164 1.26 1.34 -20.95
C SER B 164 -0.03 2.01 -21.42
N THR B 165 -0.05 3.34 -21.41
CA THR B 165 -1.25 4.06 -21.80
C THR B 165 -0.93 5.24 -22.73
N ALA B 166 -1.90 5.58 -23.59
CA ALA B 166 -1.82 6.75 -24.45
C ALA B 166 -2.92 7.75 -24.09
N TRP B 167 -2.54 9.02 -23.95
CA TRP B 167 -3.52 10.05 -23.58
C TRP B 167 -3.76 11.02 -24.74
N THR B 168 -5.03 11.23 -25.05
CA THR B 168 -5.42 12.14 -26.11
C THR B 168 -6.33 13.23 -25.57
N TRP B 169 -5.94 14.46 -25.87
CA TRP B 169 -6.78 15.61 -25.54
C TRP B 169 -6.85 16.55 -26.73
N THR B 170 -7.85 17.44 -26.76
CA THR B 170 -7.85 18.42 -27.85
C THR B 170 -7.76 19.83 -27.29
N ASP B 171 -6.64 20.47 -27.64
CA ASP B 171 -6.41 21.86 -27.25
C ASP B 171 -7.19 22.82 -28.15
N THR B 172 -6.77 24.10 -28.12
CA THR B 172 -7.27 25.09 -29.06
C THR B 172 -6.08 25.96 -29.52
N ARG B 173 -5.36 25.46 -30.55
CA ARG B 173 -4.24 26.23 -31.07
C ARG B 173 -4.72 27.45 -31.88
N ASN B 174 -4.25 28.62 -31.49
CA ASN B 174 -4.60 29.86 -32.17
C ASN B 174 -6.12 29.95 -32.39
N GLY B 175 -6.87 29.65 -31.31
CA GLY B 175 -8.32 29.65 -31.33
C GLY B 175 -8.90 28.38 -31.90
N LYS B 176 -8.10 27.69 -32.70
CA LYS B 176 -8.52 26.45 -33.36
C LYS B 176 -8.14 25.21 -32.56
N PRO B 177 -9.13 24.40 -32.18
CA PRO B 177 -8.82 23.12 -31.54
C PRO B 177 -7.72 22.35 -32.26
N VAL B 178 -7.05 21.44 -31.52
CA VAL B 178 -6.03 20.51 -32.03
C VAL B 178 -6.16 19.14 -31.39
N ARG B 179 -5.94 18.07 -32.18
CA ARG B 179 -6.03 16.72 -31.63
C ARG B 179 -4.62 16.17 -31.38
N ILE B 180 -4.18 16.30 -30.11
CA ILE B 180 -2.85 15.84 -29.67
C ILE B 180 -2.90 14.40 -29.20
N ALA B 181 -1.83 13.66 -29.42
CA ALA B 181 -1.73 12.26 -29.01
C ALA B 181 -0.42 11.92 -28.31
N TYR B 182 -0.46 11.76 -26.99
CA TYR B 182 0.71 11.31 -26.25
C TYR B 182 0.67 9.80 -26.14
N ALA B 183 1.37 9.15 -27.06
CA ALA B 183 1.41 7.70 -27.14
C ALA B 183 2.67 7.21 -26.43
N ASP B 184 2.50 6.19 -25.60
CA ASP B 184 3.60 5.61 -24.83
C ASP B 184 4.53 4.81 -25.74
N SER B 185 5.73 4.50 -25.28
CA SER B 185 6.66 3.69 -26.07
C SER B 185 5.97 2.44 -26.59
N LEU B 186 6.48 1.89 -27.69
CA LEU B 186 5.92 0.68 -28.24
C LEU B 186 7.03 -0.35 -28.49
N SER B 187 8.15 -0.08 -27.85
CA SER B 187 9.36 -0.87 -27.90
C SER B 187 9.34 -2.07 -26.96
N ALA B 188 10.12 -3.09 -27.35
CA ALA B 188 10.36 -4.29 -26.59
C ALA B 188 11.87 -4.51 -26.41
N PRO B 189 12.56 -3.51 -25.84
CA PRO B 189 14.02 -3.48 -25.81
C PRO B 189 14.62 -4.57 -24.92
N GLY B 190 15.03 -5.66 -25.54
CA GLY B 190 15.64 -6.77 -24.84
C GLY B 190 14.64 -7.81 -24.37
N TYR B 191 13.36 -7.49 -24.53
CA TYR B 191 12.29 -8.36 -24.08
C TYR B 191 12.33 -9.73 -24.76
N GLN B 192 11.94 -10.74 -24.00
CA GLN B 192 11.70 -12.07 -24.56
C GLN B 192 10.21 -12.14 -24.88
N LEU B 193 9.90 -12.14 -26.16
CA LEU B 193 8.55 -11.99 -26.67
C LEU B 193 7.75 -13.28 -26.68
N GLN B 194 8.38 -14.36 -27.17
CA GLN B 194 7.62 -15.60 -27.27
C GLN B 194 7.85 -16.50 -26.06
N GLY B 195 6.74 -17.01 -25.53
CA GLY B 195 6.76 -17.95 -24.43
C GLY B 195 7.48 -17.43 -23.19
N ASN B 196 7.15 -16.20 -22.81
CA ASN B 196 7.69 -15.56 -21.63
C ASN B 196 6.77 -15.82 -20.44
N PRO B 197 7.31 -16.48 -19.42
CA PRO B 197 6.50 -17.00 -18.33
C PRO B 197 5.71 -15.90 -17.61
N ARG B 198 6.35 -14.78 -17.38
CA ARG B 198 5.71 -13.62 -16.76
C ARG B 198 4.77 -12.91 -17.73
N TYR B 199 4.90 -13.19 -19.02
CA TYR B 199 4.07 -12.49 -20.01
C TYR B 199 3.75 -13.40 -21.19
N PRO B 200 2.78 -14.29 -21.01
CA PRO B 200 2.39 -15.25 -22.05
C PRO B 200 1.70 -14.59 -23.24
N HIS B 201 0.91 -13.52 -23.03
CA HIS B 201 0.19 -12.93 -24.14
C HIS B 201 0.87 -11.66 -24.65
N LEU B 202 2.17 -11.54 -24.42
CA LEU B 202 2.92 -10.36 -24.81
C LEU B 202 2.63 -9.98 -26.26
N ILE B 203 3.01 -10.90 -27.15
CA ILE B 203 2.84 -10.68 -28.58
C ILE B 203 1.40 -10.27 -28.91
N GLU B 204 0.40 -10.97 -28.40
CA GLU B 204 -0.99 -10.64 -28.63
C GLU B 204 -1.34 -9.23 -28.17
N ASP B 205 -0.80 -8.85 -27.00
CA ASP B 205 -1.01 -7.54 -26.41
C ASP B 205 -0.45 -6.43 -27.29
N TYR B 206 0.76 -6.64 -27.83
CA TYR B 206 1.42 -5.65 -28.67
C TYR B 206 0.66 -5.41 -29.97
N ARG B 207 0.34 -6.51 -30.67
CA ARG B 207 -0.43 -6.42 -31.91
C ARG B 207 -1.66 -5.51 -31.73
N ARG B 208 -2.42 -5.74 -30.67
CA ARG B 208 -3.60 -4.94 -30.37
C ARG B 208 -3.22 -3.48 -30.12
N SER B 209 -2.06 -3.28 -29.53
CA SER B 209 -1.57 -1.96 -29.16
C SER B 209 -1.06 -1.18 -30.37
N PHE B 210 -0.52 -1.91 -31.34
CA PHE B 210 -0.09 -1.27 -32.58
C PHE B 210 -1.34 -0.70 -33.26
N ALA B 211 -2.40 -1.49 -33.27
CA ALA B 211 -3.68 -1.11 -33.85
C ALA B 211 -4.24 0.14 -33.17
N THR B 212 -4.19 0.16 -31.84
CA THR B 212 -4.71 1.23 -31.00
C THR B 212 -4.01 2.56 -31.29
N VAL B 213 -2.68 2.53 -31.37
CA VAL B 213 -1.93 3.75 -31.66
C VAL B 213 -2.25 4.26 -33.07
N ARG B 214 -2.22 3.37 -34.06
CA ARG B 214 -2.53 3.68 -35.45
C ARG B 214 -3.75 4.58 -35.58
N ALA B 215 -4.82 4.20 -34.91
CA ALA B 215 -6.13 4.85 -35.05
C ALA B 215 -6.40 5.91 -33.99
N LEU B 216 -5.36 6.50 -33.40
CA LEU B 216 -5.66 7.49 -32.36
C LEU B 216 -6.02 8.85 -32.99
N PRO B 217 -6.96 9.56 -32.39
CA PRO B 217 -7.22 10.95 -32.83
C PRO B 217 -5.86 11.67 -32.74
N CYS B 218 -5.31 11.98 -33.91
CA CYS B 218 -3.89 12.32 -33.92
C CYS B 218 -3.47 13.37 -34.92
N ASP B 219 -3.61 14.64 -34.53
CA ASP B 219 -2.98 15.70 -35.32
C ASP B 219 -1.51 15.78 -34.91
N VAL B 220 -1.28 15.91 -33.61
CA VAL B 220 0.09 15.96 -33.09
C VAL B 220 0.41 14.73 -32.25
N LEU B 221 1.54 14.08 -32.54
CA LEU B 221 1.99 12.90 -31.83
C LEU B 221 3.27 13.14 -31.05
N LEU B 222 3.22 12.83 -29.75
CA LEU B 222 4.40 12.96 -28.88
C LEU B 222 4.68 11.65 -28.17
N THR B 223 5.94 11.42 -27.81
CA THR B 223 6.29 10.16 -27.17
C THR B 223 7.28 10.34 -26.02
N PRO B 224 7.21 9.42 -25.05
CA PRO B 224 8.11 9.40 -23.88
C PRO B 224 9.54 9.73 -24.26
N HIS B 225 10.04 9.01 -25.26
CA HIS B 225 11.30 9.35 -25.92
C HIS B 225 10.99 10.08 -27.23
N PRO B 226 11.37 11.35 -27.27
CA PRO B 226 11.05 12.22 -28.41
C PRO B 226 11.48 11.64 -29.75
N GLY B 227 12.69 11.03 -29.81
CA GLY B 227 13.21 10.50 -31.05
C GLY B 227 12.34 9.43 -31.69
N ALA B 228 11.63 8.66 -30.87
CA ALA B 228 10.82 7.56 -31.35
C ALA B 228 9.66 8.07 -32.20
N SER B 229 9.36 9.37 -32.02
CA SER B 229 8.37 10.05 -32.86
C SER B 229 9.06 11.17 -33.64
N ASN B 230 10.38 11.08 -33.70
CA ASN B 230 11.30 11.94 -34.41
C ASN B 230 11.14 13.44 -34.15
N TRP B 231 10.85 13.80 -32.91
CA TRP B 231 10.93 15.20 -32.48
C TRP B 231 12.38 15.59 -32.25
N ASP B 232 12.67 16.90 -32.17
CA ASP B 232 14.00 17.37 -31.85
C ASP B 232 13.91 18.57 -30.92
N TYR B 233 14.07 18.30 -29.61
CA TYR B 233 13.87 19.35 -28.60
C TYR B 233 14.97 20.40 -28.68
N ALA B 234 16.07 20.07 -29.37
CA ALA B 234 17.11 21.05 -29.62
C ALA B 234 16.78 21.91 -30.84
N ALA B 235 15.85 21.39 -31.65
CA ALA B 235 15.44 22.04 -32.88
C ALA B 235 14.42 23.14 -32.63
N GLY B 236 14.03 23.26 -31.36
CA GLY B 236 13.18 24.34 -30.88
C GLY B 236 11.85 24.48 -31.60
N ALA B 237 11.69 25.53 -32.40
CA ALA B 237 10.43 25.76 -33.11
C ALA B 237 10.20 24.67 -34.15
N ARG B 238 11.29 24.24 -34.76
CA ARG B 238 11.29 23.10 -35.67
C ARG B 238 10.80 21.84 -34.95
N ALA B 239 11.58 21.46 -33.93
CA ALA B 239 11.36 20.37 -32.98
C ALA B 239 10.54 19.20 -33.53
N GLY B 240 9.22 19.41 -33.63
CA GLY B 240 8.37 18.39 -34.21
C GLY B 240 7.93 18.80 -35.62
N ALA B 241 8.84 18.64 -36.57
CA ALA B 241 8.65 19.06 -37.96
C ALA B 241 8.71 17.86 -38.90
N LYS B 242 9.72 17.04 -38.67
CA LYS B 242 9.87 15.80 -39.40
C LYS B 242 9.55 14.61 -38.47
N ALA B 243 8.47 14.78 -37.69
CA ALA B 243 8.05 13.81 -36.70
C ALA B 243 6.87 12.97 -37.17
N LEU B 244 7.05 11.64 -37.07
CA LEU B 244 6.11 10.63 -37.50
C LEU B 244 4.69 10.92 -37.03
N THR B 245 3.77 10.23 -37.66
CA THR B 245 2.34 10.25 -37.36
C THR B 245 1.95 9.03 -36.54
N CYS B 246 0.84 9.12 -35.78
CA CYS B 246 0.46 7.92 -35.04
C CYS B 246 0.57 6.70 -35.95
N LYS B 247 -0.06 6.83 -37.12
CA LYS B 247 -0.07 5.81 -38.15
C LYS B 247 1.33 5.28 -38.44
N ALA B 248 2.25 6.20 -38.71
CA ALA B 248 3.64 5.84 -39.02
C ALA B 248 4.34 5.17 -37.83
N TYR B 249 4.35 5.88 -36.70
CA TYR B 249 4.86 5.40 -35.43
C TYR B 249 4.41 3.98 -35.13
N ALA B 250 3.10 3.76 -35.07
CA ALA B 250 2.58 2.41 -34.82
C ALA B 250 3.20 1.39 -35.78
N ASP B 251 2.85 1.46 -37.06
CA ASP B 251 3.40 0.56 -38.08
C ASP B 251 4.91 0.42 -37.98
N ALA B 252 5.61 1.52 -37.69
CA ALA B 252 7.06 1.41 -37.56
C ALA B 252 7.42 0.51 -36.38
N ALA B 253 6.62 0.59 -35.32
CA ALA B 253 6.83 -0.19 -34.12
C ALA B 253 6.50 -1.66 -34.38
N GLU B 254 5.43 -1.87 -35.13
CA GLU B 254 5.05 -3.22 -35.55
C GLU B 254 6.13 -3.84 -36.42
N GLN B 255 6.74 -3.01 -37.27
CA GLN B 255 7.80 -3.46 -38.17
C GLN B 255 8.96 -4.03 -37.35
N LYS B 256 9.49 -3.18 -36.47
CA LYS B 256 10.58 -3.58 -35.61
C LYS B 256 10.21 -4.84 -34.78
N PHE B 257 8.98 -4.89 -34.31
CA PHE B 257 8.46 -6.01 -33.54
C PHE B 257 8.42 -7.30 -34.36
N ASP B 258 8.14 -7.16 -35.66
CA ASP B 258 8.15 -8.35 -36.52
C ASP B 258 9.55 -8.89 -36.67
N GLY B 259 10.52 -8.01 -36.88
CA GLY B 259 11.91 -8.44 -37.00
C GLY B 259 12.47 -8.99 -35.70
N GLN B 260 12.11 -8.40 -34.57
CA GLN B 260 12.56 -8.82 -33.24
C GLN B 260 12.02 -10.21 -32.92
N LEU B 261 10.82 -10.48 -33.44
CA LEU B 261 10.14 -11.75 -33.24
C LEU B 261 10.79 -12.88 -34.06
N ALA B 262 10.70 -12.77 -35.38
CA ALA B 262 11.25 -13.79 -36.27
C ALA B 262 12.69 -14.14 -35.91
N LYS B 263 13.51 -13.11 -35.70
CA LYS B 263 14.92 -13.28 -35.32
C LYS B 263 15.04 -14.05 -33.99
N GLU B 264 14.00 -13.95 -33.17
CA GLU B 264 13.92 -14.58 -31.85
C GLU B 264 13.67 -16.07 -31.93
N THR B 265 12.80 -16.43 -32.85
CA THR B 265 12.42 -17.83 -33.06
C THR B 265 13.62 -18.68 -33.47
N ALA B 266 14.60 -18.07 -34.14
CA ALA B 266 15.79 -18.77 -34.59
C ALA B 266 16.87 -18.77 -33.50
N GLY B 267 16.44 -19.10 -32.31
CA GLY B 267 17.33 -19.10 -31.17
C GLY B 267 18.28 -17.84 -31.13
N PRO C 20 -27.30 14.64 11.48
CA PRO C 20 -27.10 15.76 10.57
C PRO C 20 -27.41 17.09 11.25
N MET C 21 -26.39 17.90 11.50
CA MET C 21 -26.61 19.23 12.05
C MET C 21 -26.06 20.33 11.14
N ALA C 22 -26.33 21.60 11.47
CA ALA C 22 -25.76 22.73 10.73
C ALA C 22 -24.50 23.19 11.44
N PRO C 23 -23.56 23.74 10.69
CA PRO C 23 -22.28 24.18 11.23
C PRO C 23 -22.45 24.93 12.54
N LEU C 24 -21.35 25.12 13.27
CA LEU C 24 -21.38 25.72 14.60
C LEU C 24 -20.04 26.31 14.99
N GLN C 25 -19.89 27.61 14.73
CA GLN C 25 -18.67 28.35 15.04
C GLN C 25 -18.15 28.02 16.42
N ILE C 26 -16.83 27.89 16.55
CA ILE C 26 -16.20 27.66 17.85
C ILE C 26 -15.19 28.79 18.09
N ALA C 27 -14.62 29.25 17.00
CA ALA C 27 -13.71 30.38 16.92
C ALA C 27 -13.93 31.07 15.56
N ASP C 28 -13.26 32.18 15.32
CA ASP C 28 -13.43 32.98 14.10
C ASP C 28 -13.48 32.12 12.84
N HIS C 29 -12.65 31.08 12.78
CA HIS C 29 -12.62 30.23 11.60
C HIS C 29 -12.78 28.75 11.90
N THR C 30 -13.00 28.37 13.16
CA THR C 30 -13.22 26.97 13.49
C THR C 30 -14.71 26.65 13.65
N TRP C 31 -15.18 25.62 12.96
CA TRP C 31 -16.59 25.25 12.99
C TRP C 31 -16.78 23.75 13.23
N GLN C 32 -17.85 23.36 13.91
CA GLN C 32 -18.14 21.95 14.12
C GLN C 32 -19.16 21.48 13.08
N ILE C 33 -18.64 20.77 12.07
CA ILE C 33 -19.54 20.38 10.98
C ILE C 33 -19.97 18.92 11.05
N GLY C 34 -19.77 18.29 12.22
CA GLY C 34 -20.13 16.88 12.37
C GLY C 34 -21.60 16.73 12.74
N THR C 35 -21.89 15.75 13.60
CA THR C 35 -23.25 15.63 14.14
C THR C 35 -23.26 16.10 15.59
N GLU C 36 -24.38 15.87 16.28
CA GLU C 36 -24.52 16.26 17.68
C GLU C 36 -23.69 15.39 18.61
N ASP C 37 -23.26 14.24 18.09
CA ASP C 37 -22.63 13.20 18.87
C ASP C 37 -21.28 12.75 18.29
N LEU C 38 -20.77 13.48 17.32
CA LEU C 38 -19.53 13.18 16.60
C LEU C 38 -18.87 14.43 16.07
N THR C 39 -17.73 14.82 16.68
CA THR C 39 -17.02 16.02 16.28
C THR C 39 -16.41 15.94 14.88
N ALA C 40 -16.44 17.08 14.20
CA ALA C 40 -15.85 17.22 12.87
C ALA C 40 -15.43 18.66 12.63
N LEU C 41 -14.24 19.04 13.12
CA LEU C 41 -13.80 20.40 13.14
C LEU C 41 -13.28 20.92 11.79
N LEU C 42 -14.01 21.88 11.24
CA LEU C 42 -13.66 22.54 9.98
C LEU C 42 -12.96 23.88 10.28
N VAL C 43 -11.82 24.08 9.63
CA VAL C 43 -11.00 25.27 9.87
C VAL C 43 -10.71 25.98 8.56
N GLN C 44 -11.17 27.22 8.46
CA GLN C 44 -11.10 28.02 7.22
C GLN C 44 -9.92 28.98 7.18
N THR C 45 -8.94 28.65 6.34
CA THR C 45 -7.78 29.51 6.18
C THR C 45 -7.81 30.18 4.80
N PRO C 46 -7.10 31.31 4.68
CA PRO C 46 -7.04 32.03 3.40
C PRO C 46 -6.56 31.16 2.23
N ASP C 47 -5.50 30.39 2.46
CA ASP C 47 -4.94 29.60 1.38
C ASP C 47 -5.38 28.12 1.45
N GLY C 48 -6.59 27.87 2.00
CA GLY C 48 -7.13 26.52 2.05
C GLY C 48 -7.89 26.22 3.34
N ALA C 49 -8.66 25.13 3.34
CA ALA C 49 -9.46 24.74 4.50
C ALA C 49 -9.09 23.35 5.04
N VAL C 50 -8.95 23.28 6.35
CA VAL C 50 -8.58 22.03 7.03
C VAL C 50 -9.79 21.35 7.66
N LEU C 51 -9.75 20.02 7.66
CA LEU C 51 -10.72 19.16 8.34
C LEU C 51 -10.00 18.24 9.34
N LEU C 52 -10.30 18.38 10.62
CA LEU C 52 -9.80 17.53 11.70
C LEU C 52 -10.87 16.50 12.09
N ASP C 53 -10.71 15.26 11.67
CA ASP C 53 -11.72 14.21 11.88
C ASP C 53 -12.96 14.48 11.02
N GLY C 54 -13.69 13.41 10.72
CA GLY C 54 -14.89 13.46 9.90
C GLY C 54 -15.98 12.49 10.32
N GLY C 55 -15.93 12.02 11.56
CA GLY C 55 -16.93 11.15 12.15
C GLY C 55 -17.04 9.80 11.46
N MET C 56 -18.27 9.30 11.35
CA MET C 56 -18.59 8.01 10.74
C MET C 56 -18.43 8.02 9.23
N PRO C 57 -18.30 6.85 8.61
CA PRO C 57 -18.08 6.80 7.16
C PRO C 57 -19.22 7.41 6.35
N GLN C 58 -20.46 7.18 6.76
CA GLN C 58 -21.64 7.59 6.02
C GLN C 58 -21.86 9.11 6.05
N MET C 59 -20.94 9.83 6.67
CA MET C 59 -21.12 11.27 6.84
C MET C 59 -20.36 12.12 5.84
N ALA C 60 -20.11 11.60 4.64
CA ALA C 60 -19.35 12.36 3.64
C ALA C 60 -20.14 13.46 2.96
N SER C 61 -21.36 13.13 2.52
CA SER C 61 -22.26 14.11 1.90
C SER C 61 -22.49 15.29 2.85
N HIS C 62 -22.89 14.96 4.07
CA HIS C 62 -23.11 15.96 5.10
C HIS C 62 -21.87 16.83 5.33
N LEU C 63 -20.70 16.17 5.33
CA LEU C 63 -19.44 16.84 5.54
C LEU C 63 -19.17 17.91 4.50
N LEU C 64 -19.40 17.55 3.24
CA LEU C 64 -19.28 18.47 2.12
C LEU C 64 -20.47 19.43 2.10
N ASP C 65 -21.66 18.85 2.21
CA ASP C 65 -22.91 19.55 2.38
C ASP C 65 -22.73 20.74 3.33
N ASN C 66 -22.03 20.46 4.44
CA ASN C 66 -21.77 21.46 5.48
C ASN C 66 -20.67 22.42 5.03
N MET C 67 -19.77 21.93 4.18
CA MET C 67 -18.67 22.71 3.65
C MET C 67 -19.14 23.66 2.56
N LYS C 68 -19.87 23.10 1.59
CA LYS C 68 -20.46 23.90 0.52
C LYS C 68 -21.31 25.02 1.12
N ALA C 69 -22.09 24.66 2.13
CA ALA C 69 -22.90 25.64 2.83
C ALA C 69 -22.08 26.50 3.81
N ARG C 70 -20.75 26.60 3.60
CA ARG C 70 -19.94 27.41 4.47
C ARG C 70 -18.85 28.14 3.68
N GLY C 71 -18.89 27.97 2.37
CA GLY C 71 -17.96 28.66 1.51
C GLY C 71 -16.71 27.83 1.18
N VAL C 72 -16.98 26.57 0.82
CA VAL C 72 -15.90 25.61 0.55
C VAL C 72 -16.38 24.51 -0.38
N THR C 73 -15.74 24.40 -1.54
CA THR C 73 -16.01 23.32 -2.48
C THR C 73 -15.01 22.18 -2.28
N PRO C 74 -15.26 21.02 -2.86
CA PRO C 74 -14.27 19.94 -2.91
C PRO C 74 -12.87 20.48 -3.20
N ARG C 75 -12.75 21.35 -4.19
CA ARG C 75 -11.50 22.01 -4.53
C ARG C 75 -10.91 22.74 -3.32
N ASP C 76 -11.73 23.06 -2.33
CA ASP C 76 -11.33 23.82 -1.15
C ASP C 76 -10.69 23.00 -0.05
N LEU C 77 -11.08 21.73 0.13
CA LEU C 77 -10.46 20.96 1.20
C LEU C 77 -9.00 20.68 0.88
N ARG C 78 -8.10 21.35 1.60
CA ARG C 78 -6.67 21.20 1.38
C ARG C 78 -6.05 20.09 2.24
N LEU C 79 -6.49 20.01 3.49
CA LEU C 79 -5.88 19.14 4.47
C LEU C 79 -6.92 18.39 5.30
N ILE C 80 -6.55 17.18 5.69
CA ILE C 80 -7.30 16.28 6.54
C ILE C 80 -6.42 15.63 7.62
N LEU C 81 -6.52 16.10 8.87
CA LEU C 81 -5.89 15.49 10.03
C LEU C 81 -6.91 14.68 10.81
N LEU C 82 -6.43 13.75 11.64
CA LEU C 82 -7.29 12.87 12.42
C LEU C 82 -6.83 12.70 13.86
N SER C 83 -7.79 12.49 14.77
CA SER C 83 -7.45 12.18 16.17
C SER C 83 -6.92 10.75 16.23
N HIS C 84 -7.70 9.82 15.70
CA HIS C 84 -7.25 8.43 15.62
C HIS C 84 -8.01 7.68 14.53
N ALA C 85 -7.42 6.60 14.03
CA ALA C 85 -7.90 5.91 12.86
C ALA C 85 -9.03 4.92 13.11
N HIS C 86 -10.06 5.32 13.84
CA HIS C 86 -11.22 4.45 14.05
C HIS C 86 -12.41 4.83 13.16
N ALA C 87 -13.32 3.88 12.98
CA ALA C 87 -14.45 3.99 12.07
C ALA C 87 -15.32 5.20 12.32
N ASN C 88 -15.57 5.50 13.60
CA ASN C 88 -16.49 6.60 13.92
C ASN C 88 -15.79 7.95 13.92
N HIS C 89 -14.51 7.98 13.53
CA HIS C 89 -13.79 9.25 13.56
C HIS C 89 -13.03 9.49 12.27
N ALA C 90 -12.78 8.44 11.50
CA ALA C 90 -12.02 8.52 10.25
C ALA C 90 -12.68 7.72 9.13
N GLY C 91 -13.92 7.28 9.37
CA GLY C 91 -14.69 6.55 8.40
C GLY C 91 -14.81 7.13 7.01
N PRO C 92 -15.07 8.42 6.83
CA PRO C 92 -15.28 8.95 5.47
C PRO C 92 -14.04 9.50 4.78
N VAL C 93 -12.85 9.38 5.36
CA VAL C 93 -11.66 9.99 4.74
C VAL C 93 -11.37 9.44 3.34
N ALA C 94 -11.54 8.14 3.11
CA ALA C 94 -11.30 7.63 1.76
C ALA C 94 -12.20 8.31 0.73
N GLU C 95 -13.50 8.31 1.01
CA GLU C 95 -14.51 8.88 0.12
C GLU C 95 -14.22 10.35 -0.13
N LEU C 96 -13.87 11.04 0.93
CA LEU C 96 -13.60 12.47 0.87
C LEU C 96 -12.49 12.79 -0.13
N LYS C 97 -11.35 12.08 -0.01
CA LYS C 97 -10.22 12.29 -0.89
C LYS C 97 -10.65 12.15 -2.34
N ARG C 98 -11.43 11.15 -2.63
CA ARG C 98 -11.95 10.87 -3.96
C ARG C 98 -12.88 11.96 -4.50
N ARG C 99 -13.37 12.82 -3.62
CA ARG C 99 -14.37 13.80 -4.00
C ARG C 99 -13.88 15.23 -3.82
N THR C 100 -12.75 15.39 -3.15
CA THR C 100 -12.12 16.70 -2.99
C THR C 100 -10.63 16.62 -3.33
N GLY C 101 -9.93 17.73 -3.23
CA GLY C 101 -8.48 17.70 -3.46
C GLY C 101 -7.75 17.46 -2.13
N ALA C 102 -8.46 16.84 -1.20
CA ALA C 102 -7.94 16.61 0.13
C ALA C 102 -6.75 15.65 0.12
N LYS C 103 -5.72 16.05 0.84
CA LYS C 103 -4.60 15.18 1.20
C LYS C 103 -4.75 14.78 2.67
N VAL C 104 -4.10 13.69 3.08
CA VAL C 104 -4.22 13.16 4.43
C VAL C 104 -2.88 13.15 5.14
N ALA C 105 -2.74 13.92 6.21
CA ALA C 105 -1.53 13.89 7.03
C ALA C 105 -1.81 13.15 8.34
N ALA C 106 -0.92 12.23 8.70
CA ALA C 106 -1.08 11.40 9.90
C ALA C 106 0.21 10.72 10.33
N ASN C 107 0.32 10.37 11.61
CA ASN C 107 1.52 9.66 12.09
C ASN C 107 1.58 8.22 11.59
N ALA C 108 2.79 7.66 11.64
CA ALA C 108 3.02 6.29 11.15
C ALA C 108 1.99 5.29 11.66
N GLU C 109 1.72 5.29 12.96
CA GLU C 109 0.78 4.33 13.55
C GLU C 109 -0.64 4.52 13.01
N SER C 110 -1.12 5.77 12.96
CA SER C 110 -2.46 5.99 12.38
C SER C 110 -2.46 5.67 10.90
N ALA C 111 -1.39 6.02 10.21
CA ALA C 111 -1.28 5.76 8.76
C ALA C 111 -1.43 4.30 8.44
N VAL C 112 -0.77 3.41 9.20
CA VAL C 112 -0.88 1.99 8.87
C VAL C 112 -2.29 1.50 9.15
N LEU C 113 -2.92 2.05 10.17
CA LEU C 113 -4.27 1.60 10.56
C LEU C 113 -5.31 2.16 9.60
N LEU C 114 -5.16 3.44 9.26
CA LEU C 114 -5.98 4.03 8.19
C LEU C 114 -5.92 3.13 6.96
N ALA C 115 -4.72 2.66 6.61
CA ALA C 115 -4.54 1.86 5.40
C ALA C 115 -5.08 0.45 5.48
N ARG C 116 -5.28 -0.12 6.67
CA ARG C 116 -5.87 -1.47 6.64
C ARG C 116 -7.35 -1.43 7.07
N GLY C 117 -7.90 -0.23 7.06
CA GLY C 117 -9.32 0.02 7.20
C GLY C 117 -9.87 -0.09 8.61
N GLY C 118 -9.01 0.02 9.59
CA GLY C 118 -9.43 -0.21 10.98
C GLY C 118 -9.49 -1.68 11.31
N SER C 119 -9.05 -2.52 10.39
CA SER C 119 -8.97 -3.96 10.61
C SER C 119 -7.76 -4.32 11.47
N ASP C 120 -7.70 -5.54 12.00
CA ASP C 120 -6.58 -5.94 12.86
C ASP C 120 -6.37 -4.93 13.98
N ASP C 121 -7.43 -4.58 14.70
CA ASP C 121 -7.29 -3.62 15.79
C ASP C 121 -6.71 -4.31 17.02
N LEU C 122 -5.76 -3.67 17.69
CA LEU C 122 -5.12 -4.27 18.87
C LEU C 122 -6.17 -4.77 19.86
N HIS C 123 -7.21 -3.95 20.03
CA HIS C 123 -8.25 -4.21 21.02
C HIS C 123 -9.53 -4.76 20.40
N PHE C 124 -9.91 -4.28 19.21
CA PHE C 124 -11.20 -4.73 18.68
C PHE C 124 -11.11 -5.70 17.52
N GLY C 125 -9.95 -5.87 16.90
CA GLY C 125 -9.88 -6.79 15.76
C GLY C 125 -10.56 -6.20 14.54
N ASP C 126 -11.30 -7.00 13.80
CA ASP C 126 -12.08 -6.53 12.65
C ASP C 126 -13.50 -6.11 13.02
N GLY C 127 -13.71 -5.61 14.24
CA GLY C 127 -15.05 -5.32 14.71
C GLY C 127 -15.55 -3.94 14.37
N ILE C 128 -14.66 -3.02 13.96
CA ILE C 128 -15.01 -1.64 13.64
C ILE C 128 -14.23 -1.19 12.41
N THR C 129 -14.47 -1.89 11.31
CA THR C 129 -13.78 -1.66 10.04
C THR C 129 -14.50 -0.63 9.16
N TYR C 130 -13.76 -0.07 8.20
CA TYR C 130 -14.20 1.05 7.37
C TYR C 130 -13.33 1.15 6.12
N PRO C 131 -13.65 2.00 5.14
CA PRO C 131 -12.85 2.07 3.91
C PRO C 131 -11.42 2.57 4.14
N PRO C 132 -10.44 1.83 3.64
CA PRO C 132 -9.03 2.20 3.85
C PRO C 132 -8.62 3.42 3.05
N ALA C 133 -7.66 4.16 3.60
CA ALA C 133 -7.12 5.34 2.96
C ALA C 133 -5.60 5.41 3.14
N ASN C 134 -4.91 6.00 2.17
CA ASN C 134 -3.47 6.15 2.26
C ASN C 134 -3.12 7.56 2.74
N ALA C 135 -2.21 7.62 3.70
CA ALA C 135 -1.79 8.92 4.20
C ALA C 135 -0.96 9.59 3.12
N ASP C 136 -1.06 10.92 3.01
CA ASP C 136 -0.29 11.62 1.99
C ASP C 136 1.02 12.13 2.57
N ARG C 137 0.96 12.34 3.88
CA ARG C 137 2.10 12.83 4.66
C ARG C 137 2.16 12.10 6.00
N ILE C 138 3.37 11.74 6.43
CA ILE C 138 3.56 11.12 7.74
C ILE C 138 4.14 12.18 8.67
N VAL C 139 3.46 12.45 9.79
CA VAL C 139 4.00 13.46 10.69
C VAL C 139 4.61 12.82 11.95
N MET C 140 5.50 13.57 12.59
CA MET C 140 6.21 13.12 13.78
C MET C 140 5.75 13.92 14.99
N ASP C 141 5.95 13.37 16.18
CA ASP C 141 5.53 14.08 17.40
C ASP C 141 6.09 15.50 17.41
N GLY C 142 5.23 16.47 17.72
CA GLY C 142 5.59 17.86 17.81
C GLY C 142 5.76 18.55 16.48
N GLU C 143 5.32 17.95 15.40
CA GLU C 143 5.48 18.55 14.07
C GLU C 143 4.30 19.48 13.76
N VAL C 144 4.62 20.66 13.24
CA VAL C 144 3.59 21.62 12.88
C VAL C 144 3.28 21.55 11.38
N ILE C 145 1.99 21.70 11.10
CA ILE C 145 1.48 21.88 9.74
C ILE C 145 0.86 23.27 9.64
N THR C 146 1.35 24.04 8.68
CA THR C 146 0.86 25.40 8.50
C THR C 146 0.05 25.51 7.21
N VAL C 147 -1.22 25.88 7.32
CA VAL C 147 -2.03 26.06 6.11
C VAL C 147 -2.54 27.50 6.02
N GLY C 148 -1.78 28.32 5.25
CA GLY C 148 -2.08 29.75 5.11
C GLY C 148 -1.91 30.51 6.40
N GLY C 149 -0.73 30.39 7.01
CA GLY C 149 -0.48 31.08 8.25
C GLY C 149 -1.04 30.45 9.50
N ILE C 150 -1.87 29.42 9.41
CA ILE C 150 -2.37 28.74 10.62
C ILE C 150 -1.51 27.50 10.95
N VAL C 151 -0.95 27.54 12.15
CA VAL C 151 -0.05 26.49 12.64
C VAL C 151 -0.76 25.43 13.50
N PHE C 152 -0.74 24.21 13.02
CA PHE C 152 -1.27 23.06 13.75
C PHE C 152 -0.11 22.20 14.27
N THR C 153 0.05 22.12 15.60
CA THR C 153 1.13 21.34 16.23
C THR C 153 0.63 20.00 16.75
N ALA C 154 1.34 18.93 16.37
CA ALA C 154 0.96 17.55 16.69
C ALA C 154 1.48 17.09 18.05
N HIS C 155 0.59 16.56 18.88
CA HIS C 155 0.92 16.02 20.19
C HIS C 155 0.54 14.55 20.30
N PHE C 156 1.52 13.67 20.16
CA PHE C 156 1.19 12.26 20.24
C PHE C 156 0.64 11.93 21.63
N MET C 157 -0.41 11.10 21.69
CA MET C 157 -0.96 10.66 22.97
C MET C 157 -1.50 9.24 22.84
N ALA C 158 -0.58 8.30 22.64
CA ALA C 158 -0.83 6.88 22.47
C ALA C 158 -1.63 6.28 23.63
N GLY C 159 -2.54 5.36 23.30
CA GLY C 159 -3.38 4.77 24.33
C GLY C 159 -4.64 4.22 23.72
N HIS C 160 -5.62 5.11 23.54
CA HIS C 160 -6.86 4.76 22.86
C HIS C 160 -6.57 4.02 21.55
N THR C 161 -5.49 4.41 20.89
CA THR C 161 -4.85 3.70 19.82
C THR C 161 -3.37 4.03 19.94
N PRO C 162 -2.50 3.23 19.33
CA PRO C 162 -1.07 3.53 19.39
C PRO C 162 -0.75 4.90 18.81
N GLY C 163 -1.52 5.36 17.82
CA GLY C 163 -1.20 6.60 17.14
C GLY C 163 -1.99 7.81 17.60
N SER C 164 -2.81 7.65 18.63
CA SER C 164 -3.67 8.72 19.12
C SER C 164 -2.94 10.06 19.24
N THR C 165 -3.55 11.11 18.67
CA THR C 165 -2.90 12.43 18.70
C THR C 165 -3.80 13.55 19.22
N ALA C 166 -3.15 14.59 19.76
CA ALA C 166 -3.84 15.82 20.11
C ALA C 166 -3.39 16.95 19.17
N TRP C 167 -4.32 17.45 18.37
CA TRP C 167 -4.04 18.57 17.46
C TRP C 167 -4.41 19.89 18.13
N THR C 168 -3.42 20.79 18.17
CA THR C 168 -3.63 22.10 18.74
C THR C 168 -3.38 23.21 17.72
N TRP C 169 -4.07 24.32 17.90
CA TRP C 169 -3.86 25.54 17.12
C TRP C 169 -4.45 26.75 17.84
N THR C 170 -3.87 27.92 17.58
CA THR C 170 -4.43 29.20 18.00
C THR C 170 -5.44 29.70 16.97
N ASP C 171 -6.59 30.16 17.46
CA ASP C 171 -7.52 30.89 16.61
C ASP C 171 -7.70 32.28 17.23
N THR C 172 -8.80 32.91 16.89
CA THR C 172 -9.20 34.21 17.45
C THR C 172 -10.70 34.16 17.68
N ARG C 173 -11.24 34.44 18.87
CA ARG C 173 -12.68 34.47 19.04
C ARG C 173 -13.07 35.90 19.37
N ASN C 174 -14.00 36.44 18.59
CA ASN C 174 -14.34 37.86 18.67
C ASN C 174 -13.17 38.73 18.18
N GLY C 175 -12.26 38.04 17.45
CA GLY C 175 -11.02 38.64 16.97
C GLY C 175 -9.84 38.45 17.88
N LYS C 176 -10.00 37.76 19.02
CA LYS C 176 -8.88 37.57 19.96
C LYS C 176 -8.42 36.11 20.01
N PRO C 177 -7.11 35.91 20.26
CA PRO C 177 -6.49 34.59 20.32
C PRO C 177 -7.22 33.61 21.23
N VAL C 178 -7.51 32.44 20.67
CA VAL C 178 -8.13 31.32 21.35
C VAL C 178 -7.32 30.05 21.04
N ARG C 179 -6.58 29.57 22.03
CA ARG C 179 -5.77 28.36 21.87
C ARG C 179 -6.65 27.13 21.98
N ILE C 180 -6.74 26.36 20.88
CA ILE C 180 -7.72 25.31 20.79
C ILE C 180 -7.12 23.91 20.65
N ALA C 181 -7.39 23.05 21.60
CA ALA C 181 -6.85 21.70 21.67
C ALA C 181 -7.88 20.64 21.28
N TYR C 182 -7.58 19.91 20.22
CA TYR C 182 -8.45 18.82 19.78
C TYR C 182 -7.90 17.46 20.23
N ALA C 183 -7.99 17.27 21.55
CA ALA C 183 -7.44 16.11 22.24
C ALA C 183 -8.19 14.84 21.88
N ASP C 184 -7.45 13.78 21.58
CA ASP C 184 -8.11 12.50 21.25
C ASP C 184 -8.70 11.85 22.49
N SER C 185 -9.53 10.85 22.29
CA SER C 185 -10.11 10.03 23.33
C SER C 185 -9.02 9.41 24.22
N LEU C 186 -9.16 9.60 25.52
CA LEU C 186 -8.27 9.02 26.52
C LEU C 186 -8.93 7.78 27.13
N SER C 187 -9.97 7.29 26.45
CA SER C 187 -10.77 6.17 26.93
C SER C 187 -10.15 4.80 26.58
N ALA C 188 -10.85 3.74 26.97
CA ALA C 188 -10.38 2.37 26.76
C ALA C 188 -11.54 1.37 26.90
N PRO C 189 -12.52 1.51 26.00
CA PRO C 189 -13.73 0.71 26.01
C PRO C 189 -13.52 -0.80 25.87
N GLY C 190 -13.43 -1.49 27.01
CA GLY C 190 -13.37 -2.94 27.05
C GLY C 190 -11.97 -3.52 26.92
N TYR C 191 -10.95 -2.68 27.04
CA TYR C 191 -9.57 -3.07 26.88
C TYR C 191 -9.04 -3.94 28.01
N GLN C 192 -8.11 -4.82 27.67
CA GLN C 192 -7.18 -5.42 28.61
C GLN C 192 -5.98 -4.49 28.75
N LEU C 193 -5.79 -3.88 29.94
CA LEU C 193 -4.70 -2.94 30.10
C LEU C 193 -3.36 -3.63 30.34
N GLN C 194 -3.26 -4.48 31.37
CA GLN C 194 -1.95 -5.08 31.63
C GLN C 194 -1.85 -6.51 31.11
N GLY C 195 -0.62 -6.91 30.81
CA GLY C 195 -0.33 -8.23 30.26
C GLY C 195 -0.85 -8.36 28.85
N ASN C 196 -1.23 -7.24 28.23
CA ASN C 196 -1.71 -7.24 26.86
C ASN C 196 -0.55 -7.43 25.90
N PRO C 197 -0.42 -8.63 25.34
CA PRO C 197 0.74 -8.91 24.50
C PRO C 197 0.78 -8.06 23.23
N ARG C 198 -0.37 -7.65 22.72
CA ARG C 198 -0.36 -6.87 21.46
C ARG C 198 0.04 -5.42 21.72
N TYR C 199 0.05 -5.03 22.99
CA TYR C 199 0.41 -3.69 23.46
C TYR C 199 1.05 -3.81 24.83
N PRO C 200 2.30 -4.30 24.85
CA PRO C 200 2.99 -4.58 26.10
C PRO C 200 3.07 -3.37 27.03
N HIS C 201 3.28 -2.16 26.46
CA HIS C 201 3.49 -1.00 27.31
C HIS C 201 2.30 -0.05 27.40
N LEU C 202 1.10 -0.57 27.20
CA LEU C 202 -0.15 0.19 27.26
C LEU C 202 -0.28 1.12 28.48
N ILE C 203 -0.35 0.58 29.69
CA ILE C 203 -0.52 1.39 30.89
C ILE C 203 0.50 2.54 30.93
N GLU C 204 1.73 2.21 30.57
CA GLU C 204 2.84 3.14 30.50
C GLU C 204 2.55 4.30 29.54
N ASP C 205 1.93 3.98 28.40
CA ASP C 205 1.60 5.00 27.39
C ASP C 205 0.44 5.86 27.83
N TYR C 206 -0.62 5.22 28.31
CA TYR C 206 -1.79 5.94 28.82
C TYR C 206 -1.43 6.95 29.90
N ARG C 207 -0.55 6.56 30.82
CA ARG C 207 -0.16 7.51 31.86
C ARG C 207 0.53 8.72 31.27
N ARG C 208 1.48 8.47 30.38
CA ARG C 208 2.25 9.56 29.77
C ARG C 208 1.35 10.50 28.98
N SER C 209 0.29 9.98 28.39
CA SER C 209 -0.65 10.80 27.62
C SER C 209 -1.45 11.74 28.50
N PHE C 210 -1.95 11.24 29.64
CA PHE C 210 -2.67 12.11 30.57
C PHE C 210 -1.80 13.32 30.92
N ALA C 211 -0.56 13.07 31.30
CA ALA C 211 0.34 14.17 31.67
C ALA C 211 0.49 15.15 30.51
N THR C 212 0.44 14.61 29.29
CA THR C 212 0.54 15.40 28.07
C THR C 212 -0.76 16.14 27.76
N VAL C 213 -1.89 15.41 27.81
CA VAL C 213 -3.22 15.96 27.58
C VAL C 213 -3.53 17.09 28.57
N ARG C 214 -2.89 17.01 29.74
CA ARG C 214 -3.07 17.93 30.84
C ARG C 214 -2.19 19.17 30.70
N ALA C 215 -1.07 19.02 30.00
CA ALA C 215 -0.14 20.14 29.84
C ALA C 215 -0.27 20.79 28.46
N LEU C 216 -1.32 20.44 27.74
CA LEU C 216 -1.55 21.04 26.43
C LEU C 216 -1.84 22.53 26.56
N PRO C 217 -1.28 23.33 25.67
CA PRO C 217 -1.61 24.76 25.61
C PRO C 217 -3.12 24.93 25.54
N CYS C 218 -3.77 25.08 26.69
CA CYS C 218 -5.22 24.93 26.70
C CYS C 218 -5.97 26.19 27.13
N ASP C 219 -6.75 26.72 26.19
CA ASP C 219 -7.68 27.83 26.36
C ASP C 219 -9.11 27.28 26.21
N VAL C 220 -9.26 26.43 25.19
CA VAL C 220 -10.47 25.69 24.89
C VAL C 220 -10.09 24.24 24.61
N LEU C 221 -10.93 23.31 25.03
CA LEU C 221 -10.67 21.89 24.83
C LEU C 221 -11.80 21.27 24.02
N LEU C 222 -11.44 20.69 22.87
CA LEU C 222 -12.41 19.98 22.04
C LEU C 222 -11.95 18.53 21.95
N THR C 223 -12.90 17.61 21.88
CA THR C 223 -12.60 16.19 21.88
C THR C 223 -13.51 15.47 20.90
N PRO C 224 -13.01 14.40 20.29
CA PRO C 224 -13.77 13.54 19.37
C PRO C 224 -15.23 13.36 19.80
N HIS C 225 -15.43 12.87 21.03
CA HIS C 225 -16.78 12.80 21.59
C HIS C 225 -16.97 14.04 22.46
N PRO C 226 -17.98 14.82 22.12
CA PRO C 226 -18.24 16.09 22.81
C PRO C 226 -18.45 15.88 24.32
N GLY C 227 -19.09 14.77 24.66
CA GLY C 227 -19.33 14.50 26.07
C GLY C 227 -18.08 14.58 26.95
N ALA C 228 -17.03 13.85 26.58
CA ALA C 228 -15.82 13.73 27.38
C ALA C 228 -15.24 15.09 27.73
N SER C 229 -15.44 16.07 26.85
CA SER C 229 -14.93 17.42 27.11
C SER C 229 -16.05 18.26 27.74
N ASN C 230 -17.26 17.73 27.64
CA ASN C 230 -18.44 18.35 28.23
C ASN C 230 -19.01 19.45 27.33
N TRP C 231 -19.44 19.04 26.12
CA TRP C 231 -19.95 19.94 25.11
C TRP C 231 -21.33 19.54 24.63
N ASP C 232 -22.27 20.46 24.67
CA ASP C 232 -23.63 20.27 24.20
C ASP C 232 -23.78 20.84 22.79
N TYR C 233 -23.52 20.04 21.76
CA TYR C 233 -23.47 20.56 20.39
C TYR C 233 -24.77 21.21 19.94
N ALA C 234 -25.90 20.54 20.20
CA ALA C 234 -27.18 21.08 19.75
C ALA C 234 -27.76 22.10 20.72
N ALA C 235 -26.91 22.84 21.43
CA ALA C 235 -27.39 23.82 22.39
C ALA C 235 -26.77 25.21 22.16
N GLY C 236 -26.80 25.69 20.91
CA GLY C 236 -26.41 27.01 20.54
C GLY C 236 -25.04 27.45 20.98
N ALA C 237 -24.95 28.70 21.39
CA ALA C 237 -23.66 29.31 21.81
C ALA C 237 -23.36 29.00 23.28
N ARG C 238 -24.29 28.27 23.91
CA ARG C 238 -24.09 27.84 25.30
C ARG C 238 -23.68 26.36 25.30
N ALA C 239 -23.20 25.92 24.14
CA ALA C 239 -22.69 24.57 23.93
C ALA C 239 -21.36 24.35 24.65
N GLY C 240 -20.50 25.35 24.65
CA GLY C 240 -19.20 25.26 25.34
C GLY C 240 -19.22 25.93 26.71
N ALA C 241 -20.36 25.84 27.39
CA ALA C 241 -20.51 26.45 28.72
C ALA C 241 -20.06 25.47 29.80
N LYS C 242 -20.43 24.18 29.68
CA LYS C 242 -20.02 23.19 30.67
C LYS C 242 -18.84 22.36 30.15
N ALA C 243 -18.25 22.83 29.05
CA ALA C 243 -17.06 22.18 28.51
C ALA C 243 -15.88 22.35 29.48
N LEU C 244 -15.15 21.27 29.71
CA LEU C 244 -14.10 21.27 30.74
C LEU C 244 -12.75 21.76 30.25
N THR C 245 -11.82 21.81 31.18
CA THR C 245 -10.43 22.14 30.88
C THR C 245 -9.67 20.87 30.45
N CYS C 246 -8.45 21.08 29.98
CA CYS C 246 -7.58 19.99 29.62
C CYS C 246 -7.33 19.14 30.88
N LYS C 247 -6.81 19.80 31.91
CA LYS C 247 -6.51 19.21 33.20
C LYS C 247 -7.65 18.33 33.73
N ALA C 248 -8.87 18.86 33.70
CA ALA C 248 -10.03 18.17 34.24
C ALA C 248 -10.33 16.89 33.48
N TYR C 249 -10.19 16.97 32.18
CA TYR C 249 -10.47 15.92 31.23
C TYR C 249 -9.54 14.73 31.41
N ALA C 250 -8.24 15.02 31.53
CA ALA C 250 -7.26 13.96 31.78
C ALA C 250 -7.44 13.40 33.19
N ASP C 251 -7.83 14.28 34.12
CA ASP C 251 -8.04 13.90 35.51
C ASP C 251 -9.15 12.86 35.64
N ALA C 252 -10.28 13.17 35.00
CA ALA C 252 -11.41 12.27 34.89
C ALA C 252 -11.05 11.09 33.99
N ALA C 253 -9.95 11.29 33.25
CA ALA C 253 -9.46 10.24 32.36
C ALA C 253 -8.63 9.21 33.12
N GLU C 254 -7.75 9.70 33.99
CA GLU C 254 -6.90 8.79 34.76
C GLU C 254 -7.73 8.07 35.82
N GLN C 255 -8.63 8.81 36.46
CA GLN C 255 -9.50 8.26 37.49
C GLN C 255 -10.16 6.94 37.06
N LYS C 256 -10.83 6.96 35.91
CA LYS C 256 -11.53 5.80 35.37
C LYS C 256 -10.59 4.68 34.96
N PHE C 257 -9.38 5.03 34.53
CA PHE C 257 -8.37 4.06 34.14
C PHE C 257 -7.82 3.33 35.37
N ASP C 258 -7.40 4.11 36.35
CA ASP C 258 -6.89 3.56 37.60
C ASP C 258 -7.93 2.69 38.29
N GLY C 259 -9.21 2.95 38.02
CA GLY C 259 -10.31 2.15 38.54
C GLY C 259 -10.62 0.97 37.64
N GLN C 260 -10.17 1.08 36.38
CA GLN C 260 -10.33 -0.07 35.48
C GLN C 260 -9.12 -1.00 35.68
N LEU C 261 -7.99 -0.38 36.02
CA LEU C 261 -6.78 -1.13 36.33
C LEU C 261 -6.95 -1.91 37.64
N ALA C 262 -7.75 -1.34 38.54
CA ALA C 262 -8.06 -1.88 39.85
C ALA C 262 -9.12 -2.98 39.77
N LYS C 263 -10.10 -2.74 38.92
CA LYS C 263 -11.16 -3.69 38.63
C LYS C 263 -10.66 -4.80 37.73
N GLU C 264 -9.36 -4.79 37.48
CA GLU C 264 -8.71 -5.77 36.61
C GLU C 264 -8.02 -6.89 37.39
N THR C 265 -7.75 -6.66 38.67
CA THR C 265 -7.15 -7.69 39.52
C THR C 265 -8.20 -8.78 39.79
N ALA C 266 -9.43 -8.41 39.61
CA ALA C 266 -10.58 -9.33 39.70
C ALA C 266 -10.56 -10.29 38.50
N GLY C 267 -10.55 -9.73 37.28
CA GLY C 267 -10.53 -10.52 36.05
C GLY C 267 -9.98 -9.68 34.88
N PRO D 20 -22.92 -23.93 5.29
CA PRO D 20 -21.70 -24.22 6.00
C PRO D 20 -21.40 -25.73 6.12
N MET D 21 -21.01 -26.28 4.97
CA MET D 21 -20.85 -27.73 4.82
C MET D 21 -19.51 -28.25 5.38
N ALA D 22 -19.37 -29.58 5.29
CA ALA D 22 -18.15 -30.25 5.66
C ALA D 22 -17.42 -30.68 4.37
N PRO D 23 -16.13 -31.02 4.49
CA PRO D 23 -15.30 -31.35 3.32
C PRO D 23 -16.02 -32.27 2.34
N LEU D 24 -15.91 -31.90 1.07
CA LEU D 24 -16.59 -32.51 -0.06
C LEU D 24 -15.60 -32.79 -1.19
N GLN D 25 -15.28 -34.07 -1.38
CA GLN D 25 -14.33 -34.49 -2.39
C GLN D 25 -14.89 -34.26 -3.80
N ILE D 26 -14.14 -33.51 -4.63
CA ILE D 26 -14.53 -33.27 -6.02
C ILE D 26 -13.72 -34.16 -6.94
N ALA D 27 -12.42 -34.13 -6.74
CA ALA D 27 -11.47 -35.04 -7.40
C ALA D 27 -10.47 -35.51 -6.34
N ASP D 28 -9.43 -36.22 -6.76
CA ASP D 28 -8.45 -36.73 -5.80
C ASP D 28 -7.94 -35.62 -4.89
N HIS D 29 -7.25 -34.64 -5.46
CA HIS D 29 -6.65 -33.59 -4.65
C HIS D 29 -7.51 -32.35 -4.55
N THR D 30 -8.74 -32.35 -5.09
CA THR D 30 -9.61 -31.18 -4.98
C THR D 30 -10.82 -31.42 -4.09
N TRP D 31 -11.05 -30.52 -3.15
CA TRP D 31 -12.16 -30.61 -2.21
C TRP D 31 -12.98 -29.33 -2.17
N GLN D 32 -14.26 -29.45 -1.84
CA GLN D 32 -15.09 -28.27 -1.64
C GLN D 32 -15.12 -27.96 -0.14
N ILE D 33 -14.60 -26.80 0.26
CA ILE D 33 -14.48 -26.54 1.69
C ILE D 33 -15.25 -25.31 2.14
N GLY D 34 -15.94 -24.64 1.22
CA GLY D 34 -16.74 -23.44 1.57
C GLY D 34 -18.20 -23.85 1.72
N THR D 35 -19.00 -23.09 2.48
CA THR D 35 -20.39 -23.43 2.82
C THR D 35 -21.14 -24.04 1.65
N GLU D 36 -22.42 -24.36 1.85
CA GLU D 36 -23.22 -25.04 0.84
C GLU D 36 -23.62 -24.14 -0.33
N ASP D 37 -23.55 -22.82 -0.13
CA ASP D 37 -23.92 -21.86 -1.17
C ASP D 37 -22.78 -20.86 -1.39
N LEU D 38 -21.55 -21.38 -1.27
CA LEU D 38 -20.36 -20.55 -1.47
C LEU D 38 -19.11 -21.42 -1.66
N THR D 39 -18.70 -21.60 -2.92
CA THR D 39 -17.51 -22.37 -3.25
C THR D 39 -16.25 -21.78 -2.60
N ALA D 40 -15.47 -22.68 -2.02
CA ALA D 40 -14.17 -22.37 -1.42
C ALA D 40 -13.30 -23.60 -1.60
N LEU D 41 -12.58 -23.64 -2.71
CA LEU D 41 -11.88 -24.83 -3.13
C LEU D 41 -10.49 -25.02 -2.52
N LEU D 42 -10.23 -26.23 -2.06
CA LEU D 42 -8.96 -26.65 -1.47
C LEU D 42 -8.31 -27.70 -2.35
N VAL D 43 -7.07 -27.44 -2.76
CA VAL D 43 -6.32 -28.35 -3.62
C VAL D 43 -5.05 -28.78 -2.88
N GLN D 44 -5.03 -30.04 -2.44
CA GLN D 44 -3.99 -30.59 -1.57
C GLN D 44 -2.80 -31.15 -2.32
N THR D 45 -1.66 -30.46 -2.21
CA THR D 45 -0.42 -30.88 -2.85
C THR D 45 0.62 -31.19 -1.78
N PRO D 46 1.51 -32.14 -2.06
CA PRO D 46 2.60 -32.47 -1.14
C PRO D 46 3.33 -31.22 -0.66
N ASP D 47 3.70 -30.36 -1.62
CA ASP D 47 4.45 -29.15 -1.30
C ASP D 47 3.66 -28.18 -0.42
N GLY D 48 2.34 -28.41 -0.32
CA GLY D 48 1.48 -27.55 0.48
C GLY D 48 0.08 -27.40 -0.10
N ALA D 49 -0.82 -26.79 0.68
CA ALA D 49 -2.21 -26.61 0.26
C ALA D 49 -2.44 -25.28 -0.48
N VAL D 50 -3.56 -25.22 -1.21
CA VAL D 50 -3.94 -24.05 -2.00
C VAL D 50 -5.41 -23.73 -1.79
N LEU D 51 -5.69 -22.47 -1.47
CA LEU D 51 -7.07 -22.02 -1.30
C LEU D 51 -7.50 -21.12 -2.47
N LEU D 52 -8.52 -21.56 -3.20
CA LEU D 52 -9.18 -20.83 -4.28
C LEU D 52 -10.51 -20.24 -3.78
N ASP D 53 -10.49 -18.96 -3.46
CA ASP D 53 -11.62 -18.27 -2.85
C ASP D 53 -11.74 -18.67 -1.38
N GLY D 54 -12.48 -17.88 -0.59
CA GLY D 54 -12.60 -18.14 0.83
C GLY D 54 -13.94 -17.75 1.42
N GLY D 55 -14.85 -17.23 0.59
CA GLY D 55 -16.18 -16.83 0.99
C GLY D 55 -16.26 -15.50 1.69
N MET D 56 -17.12 -15.43 2.71
CA MET D 56 -17.37 -14.22 3.48
C MET D 56 -16.28 -13.93 4.48
N PRO D 57 -16.10 -12.65 4.85
CA PRO D 57 -15.07 -12.27 5.85
C PRO D 57 -15.16 -13.10 7.13
N GLN D 58 -16.34 -13.67 7.40
CA GLN D 58 -16.63 -14.40 8.62
C GLN D 58 -16.33 -15.89 8.53
N MET D 59 -16.25 -16.43 7.30
CA MET D 59 -16.03 -17.87 7.11
C MET D 59 -14.60 -18.29 7.41
N ALA D 60 -13.85 -17.49 8.15
CA ALA D 60 -12.42 -17.71 8.34
C ALA D 60 -12.05 -18.99 9.07
N SER D 61 -12.33 -19.08 10.39
CA SER D 61 -11.94 -20.28 11.15
C SER D 61 -12.54 -21.54 10.54
N HIS D 62 -13.80 -21.46 10.17
CA HIS D 62 -14.45 -22.58 9.48
C HIS D 62 -13.57 -23.13 8.37
N LEU D 63 -12.95 -22.21 7.62
CA LEU D 63 -12.11 -22.61 6.50
C LEU D 63 -10.97 -23.50 6.98
N LEU D 64 -10.34 -23.07 8.06
CA LEU D 64 -9.18 -23.79 8.62
C LEU D 64 -9.64 -25.09 9.27
N ASP D 65 -10.79 -25.03 9.95
CA ASP D 65 -11.38 -26.23 10.54
C ASP D 65 -11.36 -27.36 9.52
N ASN D 66 -11.97 -27.07 8.37
CA ASN D 66 -12.01 -28.02 7.27
C ASN D 66 -10.59 -28.33 6.78
N MET D 67 -9.69 -27.40 7.07
CA MET D 67 -8.29 -27.59 6.73
C MET D 67 -7.64 -28.61 7.66
N LYS D 68 -7.76 -28.36 8.97
CA LYS D 68 -7.25 -29.24 10.01
C LYS D 68 -7.72 -30.70 9.78
N ALA D 69 -9.03 -30.90 9.82
CA ALA D 69 -9.58 -32.25 9.56
C ALA D 69 -9.07 -32.80 8.22
N ARG D 70 -8.95 -31.91 7.20
CA ARG D 70 -8.46 -32.27 5.87
C ARG D 70 -6.96 -32.67 5.92
N GLY D 71 -6.33 -32.34 7.03
CA GLY D 71 -4.93 -32.66 7.22
C GLY D 71 -4.01 -31.45 7.08
N VAL D 72 -4.60 -30.35 6.61
CA VAL D 72 -3.77 -29.13 6.48
C VAL D 72 -3.91 -28.24 7.72
N THR D 73 -2.75 -27.73 8.17
CA THR D 73 -2.70 -26.76 9.27
C THR D 73 -2.30 -25.39 8.69
N PRO D 74 -2.58 -24.31 9.41
CA PRO D 74 -2.17 -22.96 9.02
C PRO D 74 -0.83 -22.88 8.29
N ARG D 75 0.25 -23.36 8.89
CA ARG D 75 1.54 -23.30 8.20
C ARG D 75 1.55 -24.18 6.95
N ASP D 76 0.53 -25.05 6.82
CA ASP D 76 0.41 -25.91 5.63
C ASP D 76 -0.22 -25.11 4.49
N LEU D 77 -0.87 -24.00 4.80
CA LEU D 77 -1.46 -23.19 3.74
C LEU D 77 -0.40 -22.39 2.98
N ARG D 78 -0.18 -22.80 1.74
CA ARG D 78 0.82 -22.17 0.87
C ARG D 78 0.29 -20.92 0.18
N LEU D 79 -0.79 -21.08 -0.59
CA LEU D 79 -1.20 -20.08 -1.56
C LEU D 79 -2.71 -19.89 -1.61
N ILE D 80 -3.12 -18.63 -1.80
CA ILE D 80 -4.49 -18.24 -2.03
C ILE D 80 -4.66 -17.60 -3.41
N LEU D 81 -5.51 -18.23 -4.23
CA LEU D 81 -5.89 -17.70 -5.53
C LEU D 81 -7.34 -17.25 -5.43
N LEU D 82 -7.77 -16.31 -6.27
CA LEU D 82 -9.15 -15.78 -6.20
C LEU D 82 -9.89 -15.89 -7.52
N SER D 83 -11.20 -16.08 -7.46
CA SER D 83 -11.99 -15.93 -8.67
C SER D 83 -12.14 -14.43 -8.95
N HIS D 84 -12.52 -13.67 -7.92
CA HIS D 84 -12.54 -12.22 -8.02
C HIS D 84 -12.65 -11.64 -6.61
N ALA D 85 -12.20 -10.40 -6.46
CA ALA D 85 -12.08 -9.73 -5.18
C ALA D 85 -13.32 -9.01 -4.69
N HIS D 86 -14.43 -9.72 -4.50
CA HIS D 86 -15.56 -9.18 -3.77
C HIS D 86 -15.63 -9.81 -2.37
N ALA D 87 -16.46 -9.25 -1.50
CA ALA D 87 -16.55 -9.63 -0.09
C ALA D 87 -17.01 -11.04 0.16
N ASN D 88 -17.92 -11.59 -0.68
CA ASN D 88 -18.44 -12.92 -0.41
C ASN D 88 -17.58 -14.01 -1.02
N HIS D 89 -16.47 -13.63 -1.65
CA HIS D 89 -15.60 -14.61 -2.29
C HIS D 89 -14.15 -14.50 -1.86
N ALA D 90 -13.80 -13.32 -1.33
CA ALA D 90 -12.44 -13.05 -0.88
C ALA D 90 -12.47 -12.40 0.50
N GLY D 91 -13.62 -12.52 1.16
CA GLY D 91 -13.84 -11.93 2.46
C GLY D 91 -12.75 -12.15 3.50
N PRO D 92 -12.27 -13.38 3.69
CA PRO D 92 -11.29 -13.67 4.74
C PRO D 92 -9.85 -13.74 4.29
N VAL D 93 -9.52 -13.22 3.10
CA VAL D 93 -8.13 -13.29 2.63
C VAL D 93 -7.16 -12.68 3.61
N ALA D 94 -7.48 -11.52 4.17
CA ALA D 94 -6.55 -10.86 5.10
C ALA D 94 -6.36 -11.66 6.38
N GLU D 95 -7.45 -12.21 6.93
CA GLU D 95 -7.44 -12.93 8.19
C GLU D 95 -6.71 -14.26 8.06
N LEU D 96 -6.87 -14.89 6.89
CA LEU D 96 -6.25 -16.15 6.53
C LEU D 96 -4.74 -15.99 6.34
N LYS D 97 -4.31 -14.79 5.94
CA LYS D 97 -2.87 -14.57 5.72
C LYS D 97 -2.16 -14.44 7.08
N ARG D 98 -2.75 -13.67 7.96
CA ARG D 98 -2.29 -13.48 9.33
C ARG D 98 -2.18 -14.81 10.09
N ARG D 99 -3.14 -15.68 9.89
CA ARG D 99 -3.30 -16.90 10.68
C ARG D 99 -2.65 -18.12 10.05
N THR D 100 -2.15 -18.01 8.82
CA THR D 100 -1.51 -19.15 8.17
C THR D 100 -0.20 -18.76 7.50
N GLY D 101 0.28 -19.64 6.62
CA GLY D 101 1.48 -19.32 5.86
C GLY D 101 1.13 -18.80 4.48
N ALA D 102 -0.11 -18.33 4.31
CA ALA D 102 -0.62 -17.95 3.01
C ALA D 102 -0.03 -16.66 2.45
N LYS D 103 0.36 -16.76 1.19
CA LYS D 103 0.66 -15.66 0.31
C LYS D 103 -0.39 -15.59 -0.79
N VAL D 104 -0.67 -14.40 -1.32
CA VAL D 104 -1.75 -14.23 -2.30
C VAL D 104 -1.24 -13.92 -3.70
N ALA D 105 -1.71 -14.66 -4.70
CA ALA D 105 -1.38 -14.35 -6.10
C ALA D 105 -2.64 -13.94 -6.88
N ALA D 106 -2.64 -12.70 -7.37
CA ALA D 106 -3.76 -12.10 -8.07
C ALA D 106 -3.32 -11.13 -9.17
N ASN D 107 -4.18 -10.89 -10.16
CA ASN D 107 -3.83 -9.92 -11.22
C ASN D 107 -3.91 -8.51 -10.70
N ALA D 108 -3.27 -7.57 -11.41
CA ALA D 108 -3.24 -6.17 -10.92
C ALA D 108 -4.63 -5.64 -10.55
N GLU D 109 -5.62 -5.95 -11.37
CA GLU D 109 -6.99 -5.51 -11.13
C GLU D 109 -7.53 -6.09 -9.85
N SER D 110 -7.52 -7.43 -9.71
CA SER D 110 -7.92 -8.00 -8.42
C SER D 110 -7.11 -7.41 -7.28
N ALA D 111 -5.80 -7.24 -7.50
CA ALA D 111 -4.90 -6.70 -6.48
C ALA D 111 -5.21 -5.31 -5.99
N VAL D 112 -5.48 -4.30 -6.85
CA VAL D 112 -5.74 -3.00 -6.22
C VAL D 112 -7.08 -3.03 -5.51
N LEU D 113 -7.98 -3.90 -5.95
CA LEU D 113 -9.32 -3.97 -5.36
C LEU D 113 -9.33 -4.71 -4.03
N LEU D 114 -8.70 -5.89 -4.01
CA LEU D 114 -8.45 -6.59 -2.75
C LEU D 114 -7.86 -5.62 -1.74
N ALA D 115 -6.89 -4.83 -2.21
CA ALA D 115 -6.13 -3.86 -1.42
C ALA D 115 -6.93 -2.70 -0.88
N ARG D 116 -8.07 -2.34 -1.46
CA ARG D 116 -8.82 -1.23 -0.82
C ARG D 116 -10.09 -1.74 -0.14
N GLY D 117 -10.18 -3.06 0.01
CA GLY D 117 -11.23 -3.74 0.74
C GLY D 117 -12.53 -3.81 -0.02
N GLY D 118 -12.46 -3.93 -1.35
CA GLY D 118 -13.67 -3.90 -2.16
C GLY D 118 -14.32 -2.53 -2.24
N SER D 119 -13.70 -1.51 -1.64
CA SER D 119 -14.23 -0.16 -1.64
C SER D 119 -14.03 0.52 -3.00
N ASP D 120 -14.96 1.43 -3.34
CA ASP D 120 -14.95 2.14 -4.61
C ASP D 120 -15.13 1.17 -5.76
N ASP D 121 -16.04 0.23 -5.55
CA ASP D 121 -16.37 -0.77 -6.58
C ASP D 121 -17.07 -0.08 -7.75
N LEU D 122 -16.60 -0.26 -8.97
CA LEU D 122 -17.14 0.28 -10.21
C LEU D 122 -18.66 0.33 -10.22
N HIS D 123 -19.30 -0.69 -9.66
CA HIS D 123 -20.73 -0.91 -9.69
C HIS D 123 -21.40 -0.91 -8.33
N PHE D 124 -20.65 -1.11 -7.24
CA PHE D 124 -21.29 -1.12 -5.92
C PHE D 124 -20.73 -0.03 -5.01
N GLY D 125 -19.66 0.63 -5.42
CA GLY D 125 -19.12 1.71 -4.58
C GLY D 125 -18.54 1.17 -3.28
N ASP D 126 -19.15 1.50 -2.15
CA ASP D 126 -18.74 0.98 -0.85
C ASP D 126 -19.81 0.08 -0.25
N GLY D 127 -20.66 -0.54 -1.06
CA GLY D 127 -21.76 -1.32 -0.51
C GLY D 127 -21.37 -2.71 -0.08
N ILE D 128 -20.15 -3.13 -0.44
CA ILE D 128 -19.68 -4.49 -0.17
C ILE D 128 -18.19 -4.48 0.17
N THR D 129 -17.84 -3.68 1.17
CA THR D 129 -16.45 -3.63 1.60
C THR D 129 -16.16 -4.77 2.59
N TYR D 130 -14.98 -5.36 2.43
CA TYR D 130 -14.40 -6.37 3.31
C TYR D 130 -13.09 -5.76 3.86
N PRO D 131 -12.33 -6.44 4.72
CA PRO D 131 -11.03 -5.86 5.11
C PRO D 131 -9.98 -6.14 4.04
N PRO D 132 -9.14 -5.13 3.79
CA PRO D 132 -8.20 -5.21 2.67
C PRO D 132 -6.95 -6.06 2.97
N ALA D 133 -6.45 -6.66 1.90
CA ALA D 133 -5.25 -7.49 1.96
C ALA D 133 -4.29 -7.12 0.83
N ASN D 134 -3.00 -7.29 1.07
CA ASN D 134 -1.99 -7.02 0.05
C ASN D 134 -1.68 -8.29 -0.74
N ALA D 135 -1.54 -8.14 -2.05
CA ALA D 135 -1.19 -9.29 -2.88
C ALA D 135 0.29 -9.57 -2.73
N ASP D 136 0.69 -10.81 -2.93
CA ASP D 136 2.11 -11.17 -2.81
C ASP D 136 2.75 -11.28 -4.18
N ARG D 137 1.97 -11.78 -5.11
CA ARG D 137 2.36 -12.00 -6.49
C ARG D 137 1.38 -11.34 -7.44
N ILE D 138 1.88 -10.73 -8.52
CA ILE D 138 0.94 -10.24 -9.54
C ILE D 138 1.02 -11.17 -10.75
N VAL D 139 -0.09 -11.81 -11.07
CA VAL D 139 -0.04 -12.73 -12.20
C VAL D 139 -0.63 -12.07 -13.47
N MET D 140 -0.19 -12.56 -14.62
CA MET D 140 -0.59 -12.08 -15.93
C MET D 140 -1.46 -13.10 -16.64
N ASP D 141 -2.29 -12.65 -17.59
CA ASP D 141 -3.20 -13.59 -18.28
C ASP D 141 -2.42 -14.72 -18.93
N GLY D 142 -2.87 -15.94 -18.66
CA GLY D 142 -2.20 -17.16 -19.08
C GLY D 142 -0.97 -17.52 -18.27
N GLU D 143 -0.78 -16.93 -17.09
CA GLU D 143 0.37 -17.27 -16.26
C GLU D 143 0.12 -18.58 -15.52
N VAL D 144 1.19 -19.37 -15.33
CA VAL D 144 1.07 -20.63 -14.62
C VAL D 144 1.72 -20.58 -13.24
N ILE D 145 1.07 -21.24 -12.30
CA ILE D 145 1.55 -21.40 -10.93
C ILE D 145 1.55 -22.88 -10.52
N THR D 146 2.75 -23.40 -10.29
CA THR D 146 2.96 -24.78 -9.95
C THR D 146 3.08 -24.99 -8.44
N VAL D 147 2.11 -25.70 -7.85
CA VAL D 147 2.26 -26.04 -6.43
C VAL D 147 2.36 -27.55 -6.27
N GLY D 148 3.49 -27.99 -5.76
CA GLY D 148 3.79 -29.39 -5.55
C GLY D 148 3.54 -30.23 -6.79
N GLY D 149 4.07 -29.81 -7.92
CA GLY D 149 3.85 -30.53 -9.17
C GLY D 149 2.45 -30.31 -9.74
N ILE D 150 1.70 -29.40 -9.10
CA ILE D 150 0.34 -29.07 -9.58
C ILE D 150 0.35 -27.69 -10.22
N VAL D 151 0.00 -27.65 -11.50
CA VAL D 151 0.02 -26.44 -12.32
C VAL D 151 -1.33 -25.74 -12.38
N PHE D 152 -1.34 -24.47 -11.98
CA PHE D 152 -2.53 -23.63 -12.05
C PHE D 152 -2.40 -22.59 -13.16
N THR D 153 -3.30 -22.61 -14.13
CA THR D 153 -3.27 -21.66 -15.25
C THR D 153 -4.38 -20.59 -15.09
N ALA D 154 -3.99 -19.34 -15.20
CA ALA D 154 -4.92 -18.22 -15.08
C ALA D 154 -5.51 -17.82 -16.43
N HIS D 155 -6.83 -17.68 -16.48
CA HIS D 155 -7.54 -17.22 -17.66
C HIS D 155 -8.38 -15.99 -17.30
N PHE D 156 -7.89 -14.83 -17.74
CA PHE D 156 -8.59 -13.58 -17.47
C PHE D 156 -9.97 -13.56 -18.11
N MET D 157 -10.99 -13.11 -17.39
CA MET D 157 -12.32 -12.98 -17.98
C MET D 157 -13.05 -11.76 -17.40
N ALA D 158 -12.55 -10.57 -17.79
CA ALA D 158 -13.12 -9.27 -17.37
C ALA D 158 -14.59 -9.15 -17.71
N GLY D 159 -15.36 -8.58 -16.79
CA GLY D 159 -16.80 -8.50 -16.89
C GLY D 159 -17.32 -8.20 -15.47
N HIS D 160 -17.65 -9.26 -14.74
CA HIS D 160 -18.18 -9.14 -13.38
C HIS D 160 -17.35 -8.19 -12.53
N THR D 161 -16.06 -8.27 -12.74
CA THR D 161 -15.08 -7.36 -12.17
C THR D 161 -13.96 -7.21 -13.21
N PRO D 162 -13.25 -6.10 -13.21
CA PRO D 162 -12.20 -5.94 -14.22
C PRO D 162 -11.18 -7.06 -14.10
N GLY D 163 -10.88 -7.49 -12.87
CA GLY D 163 -9.92 -8.54 -12.60
C GLY D 163 -10.45 -9.94 -12.45
N SER D 164 -11.70 -10.20 -12.83
CA SER D 164 -12.26 -11.54 -12.76
C SER D 164 -11.39 -12.57 -13.45
N THR D 165 -11.17 -13.71 -12.80
CA THR D 165 -10.29 -14.72 -13.39
C THR D 165 -10.86 -16.12 -13.37
N ALA D 166 -10.37 -16.96 -14.27
CA ALA D 166 -10.68 -18.39 -14.32
C ALA D 166 -9.41 -19.21 -14.02
N TRP D 167 -9.56 -20.23 -13.17
CA TRP D 167 -8.41 -21.07 -12.87
C TRP D 167 -8.65 -22.48 -13.38
N THR D 168 -7.68 -22.99 -14.14
CA THR D 168 -7.74 -24.39 -14.57
C THR D 168 -6.59 -25.17 -13.95
N TRP D 169 -6.83 -26.46 -13.73
CA TRP D 169 -5.85 -27.43 -13.28
C TRP D 169 -6.39 -28.84 -13.52
N THR D 170 -5.47 -29.72 -13.91
CA THR D 170 -5.77 -31.14 -14.09
C THR D 170 -5.54 -31.92 -12.78
N ASP D 171 -6.60 -32.60 -12.35
CA ASP D 171 -6.56 -33.48 -11.20
C ASP D 171 -6.76 -34.92 -11.64
N THR D 172 -7.18 -35.78 -10.72
CA THR D 172 -7.40 -37.17 -11.09
C THR D 172 -8.61 -37.73 -10.34
N ARG D 173 -9.31 -38.62 -11.02
CA ARG D 173 -10.46 -39.38 -10.54
C ARG D 173 -10.43 -40.75 -11.21
N ASN D 174 -10.14 -41.79 -10.42
CA ASN D 174 -9.91 -43.15 -10.96
C ASN D 174 -8.50 -43.28 -11.53
N GLY D 175 -7.64 -42.31 -11.24
CA GLY D 175 -6.31 -42.31 -11.87
C GLY D 175 -6.36 -41.52 -13.18
N LYS D 176 -7.62 -41.43 -13.72
CA LYS D 176 -7.92 -40.74 -14.96
C LYS D 176 -7.79 -39.22 -14.78
N PRO D 177 -7.14 -38.56 -15.76
CA PRO D 177 -6.89 -37.12 -15.68
C PRO D 177 -8.19 -36.31 -15.87
N VAL D 178 -8.45 -35.40 -14.95
CA VAL D 178 -9.68 -34.60 -14.97
C VAL D 178 -9.36 -33.11 -14.97
N ARG D 179 -9.66 -32.45 -16.08
CA ARG D 179 -9.39 -31.01 -16.21
C ARG D 179 -10.49 -30.17 -15.56
N ILE D 180 -10.12 -29.48 -14.50
CA ILE D 180 -11.02 -28.72 -13.65
C ILE D 180 -10.98 -27.24 -13.98
N ALA D 181 -12.12 -26.67 -14.35
CA ALA D 181 -12.18 -25.25 -14.65
C ALA D 181 -12.98 -24.53 -13.56
N TYR D 182 -12.27 -23.68 -12.81
CA TYR D 182 -12.92 -22.83 -11.83
C TYR D 182 -13.18 -21.44 -12.47
N ALA D 183 -14.43 -21.27 -12.88
CA ALA D 183 -14.83 -20.06 -13.59
C ALA D 183 -15.53 -19.06 -12.66
N ASP D 184 -15.02 -17.85 -12.65
CA ASP D 184 -15.69 -16.77 -11.93
C ASP D 184 -17.08 -16.51 -12.53
N SER D 185 -17.96 -15.88 -11.76
CA SER D 185 -19.28 -15.53 -12.26
C SER D 185 -19.17 -14.84 -13.61
N LEU D 186 -20.18 -15.03 -14.46
CA LEU D 186 -20.34 -14.26 -15.69
C LEU D 186 -21.53 -13.31 -15.54
N SER D 187 -21.95 -13.12 -14.29
CA SER D 187 -23.11 -12.33 -13.95
C SER D 187 -22.82 -10.83 -13.84
N ALA D 188 -23.90 -10.05 -13.94
CA ALA D 188 -23.84 -8.60 -13.86
C ALA D 188 -24.98 -8.06 -13.01
N PRO D 189 -24.86 -8.23 -11.68
CA PRO D 189 -25.94 -7.92 -10.74
C PRO D 189 -26.30 -6.43 -10.72
N GLY D 190 -27.20 -6.06 -11.62
CA GLY D 190 -27.74 -4.70 -11.70
C GLY D 190 -26.75 -3.66 -12.15
N TYR D 191 -25.91 -4.00 -13.13
CA TYR D 191 -24.93 -3.07 -13.67
C TYR D 191 -25.50 -2.24 -14.80
N GLN D 192 -24.91 -1.07 -15.02
CA GLN D 192 -25.17 -0.24 -16.19
C GLN D 192 -24.22 -0.65 -17.32
N LEU D 193 -24.70 -1.48 -18.24
CA LEU D 193 -23.81 -2.03 -19.26
C LEU D 193 -23.48 -1.05 -20.38
N GLN D 194 -24.47 -0.39 -20.98
CA GLN D 194 -24.16 0.52 -22.08
C GLN D 194 -23.72 1.88 -21.55
N GLY D 195 -22.61 2.38 -22.09
CA GLY D 195 -22.04 3.65 -21.76
C GLY D 195 -21.72 3.85 -20.29
N ASN D 196 -21.05 2.87 -19.68
CA ASN D 196 -20.59 3.07 -18.30
C ASN D 196 -19.30 3.88 -18.32
N PRO D 197 -19.34 5.08 -17.76
CA PRO D 197 -18.13 5.92 -17.76
C PRO D 197 -17.02 5.34 -16.88
N ARG D 198 -17.39 4.43 -15.97
CA ARG D 198 -16.43 3.81 -15.06
C ARG D 198 -15.80 2.58 -15.70
N TYR D 199 -16.51 2.01 -16.65
CA TYR D 199 -16.10 0.82 -17.40
C TYR D 199 -16.57 0.97 -18.85
N PRO D 200 -15.91 1.90 -19.55
CA PRO D 200 -16.29 2.28 -20.91
C PRO D 200 -16.51 1.13 -21.89
N HIS D 201 -15.74 0.04 -21.78
CA HIS D 201 -15.87 -1.06 -22.74
C HIS D 201 -16.38 -2.34 -22.10
N LEU D 202 -17.23 -2.20 -21.09
CA LEU D 202 -17.84 -3.31 -20.39
C LEU D 202 -18.35 -4.43 -21.30
N ILE D 203 -19.21 -4.10 -22.26
CA ILE D 203 -19.87 -5.10 -23.11
C ILE D 203 -18.88 -5.96 -23.91
N GLU D 204 -17.86 -5.31 -24.44
CA GLU D 204 -16.82 -5.96 -25.24
C GLU D 204 -15.92 -6.82 -24.38
N ASP D 205 -15.74 -6.42 -23.13
CA ASP D 205 -15.02 -7.26 -22.18
C ASP D 205 -15.86 -8.50 -21.86
N TYR D 206 -17.08 -8.29 -21.39
CA TYR D 206 -17.96 -9.42 -21.10
C TYR D 206 -18.07 -10.39 -22.26
N ARG D 207 -18.13 -9.89 -23.49
CA ARG D 207 -18.26 -10.78 -24.64
C ARG D 207 -17.02 -11.64 -24.87
N ARG D 208 -15.84 -11.06 -24.62
CA ARG D 208 -14.65 -11.89 -24.75
C ARG D 208 -14.69 -13.02 -23.70
N SER D 209 -15.15 -12.66 -22.51
CA SER D 209 -15.22 -13.54 -21.36
C SER D 209 -16.17 -14.71 -21.57
N PHE D 210 -17.26 -14.49 -22.29
CA PHE D 210 -18.18 -15.61 -22.57
C PHE D 210 -17.44 -16.63 -23.44
N ALA D 211 -16.80 -16.14 -24.49
CA ALA D 211 -16.11 -17.04 -25.43
C ALA D 211 -14.90 -17.70 -24.77
N THR D 212 -14.32 -17.01 -23.78
CA THR D 212 -13.20 -17.50 -23.01
C THR D 212 -13.56 -18.71 -22.16
N VAL D 213 -14.61 -18.57 -21.35
CA VAL D 213 -15.11 -19.70 -20.57
C VAL D 213 -15.51 -20.85 -21.49
N ARG D 214 -16.20 -20.50 -22.56
CA ARG D 214 -16.71 -21.36 -23.62
C ARG D 214 -15.69 -22.37 -24.13
N ALA D 215 -14.40 -21.99 -24.14
CA ALA D 215 -13.35 -22.85 -24.70
C ALA D 215 -12.37 -23.36 -23.65
N LEU D 216 -12.73 -23.23 -22.37
CA LEU D 216 -11.89 -23.66 -21.28
C LEU D 216 -11.74 -25.18 -21.19
N PRO D 217 -10.52 -25.66 -20.96
CA PRO D 217 -10.27 -27.09 -20.75
C PRO D 217 -11.06 -27.57 -19.53
N CYS D 218 -12.23 -28.11 -19.82
CA CYS D 218 -13.28 -28.33 -18.83
C CYS D 218 -13.76 -29.77 -18.78
N ASP D 219 -13.45 -30.47 -17.69
CA ASP D 219 -14.03 -31.80 -17.43
C ASP D 219 -15.03 -31.62 -16.30
N VAL D 220 -14.59 -30.82 -15.33
CA VAL D 220 -15.42 -30.46 -14.19
C VAL D 220 -15.44 -28.95 -14.07
N LEU D 221 -16.64 -28.37 -13.98
CA LEU D 221 -16.70 -26.94 -13.79
C LEU D 221 -17.23 -26.64 -12.38
N LEU D 222 -16.66 -25.61 -11.76
CA LEU D 222 -17.20 -25.11 -10.52
C LEU D 222 -17.28 -23.58 -10.57
N THR D 223 -18.16 -22.98 -9.79
CA THR D 223 -18.31 -21.53 -9.83
C THR D 223 -18.52 -20.96 -8.44
N PRO D 224 -17.96 -19.78 -8.21
CA PRO D 224 -18.10 -19.04 -6.95
C PRO D 224 -19.45 -19.17 -6.28
N HIS D 225 -20.51 -19.30 -7.07
CA HIS D 225 -21.82 -19.69 -6.55
C HIS D 225 -22.12 -21.04 -7.20
N PRO D 226 -22.43 -22.03 -6.38
CA PRO D 226 -22.60 -23.40 -6.85
C PRO D 226 -23.81 -23.54 -7.77
N GLY D 227 -24.82 -22.70 -7.56
CA GLY D 227 -26.01 -22.74 -8.40
C GLY D 227 -25.72 -22.53 -9.88
N ALA D 228 -24.83 -21.59 -10.18
CA ALA D 228 -24.47 -21.26 -11.55
C ALA D 228 -24.07 -22.48 -12.37
N SER D 229 -23.31 -23.39 -11.75
CA SER D 229 -22.85 -24.58 -12.50
C SER D 229 -23.82 -25.77 -12.30
N ASN D 230 -24.88 -25.49 -11.56
CA ASN D 230 -25.94 -26.46 -11.24
C ASN D 230 -25.55 -27.42 -10.12
N TRP D 231 -24.45 -27.10 -9.44
CA TRP D 231 -23.89 -27.93 -8.38
C TRP D 231 -24.77 -27.91 -7.15
N ASP D 232 -24.92 -29.08 -6.53
CA ASP D 232 -25.66 -29.19 -5.28
C ASP D 232 -24.77 -29.79 -4.21
N TYR D 233 -24.01 -28.95 -3.55
CA TYR D 233 -23.05 -29.37 -2.54
C TYR D 233 -23.70 -30.16 -1.40
N ALA D 234 -25.01 -30.05 -1.26
CA ALA D 234 -25.82 -30.77 -0.29
C ALA D 234 -26.19 -32.16 -0.80
N ALA D 235 -25.99 -32.44 -2.09
CA ALA D 235 -26.32 -33.70 -2.72
C ALA D 235 -25.28 -34.82 -2.46
N GLY D 236 -24.18 -34.50 -1.78
CA GLY D 236 -23.12 -35.44 -1.47
C GLY D 236 -22.49 -36.06 -2.71
N ALA D 237 -22.64 -37.41 -2.88
CA ALA D 237 -22.08 -38.08 -4.05
C ALA D 237 -22.78 -37.63 -5.33
N ARG D 238 -23.90 -36.94 -5.15
CA ARG D 238 -24.71 -36.45 -6.26
C ARG D 238 -24.59 -34.94 -6.45
N ALA D 239 -23.79 -34.28 -5.62
CA ALA D 239 -23.62 -32.85 -5.69
C ALA D 239 -23.22 -32.39 -7.09
N GLY D 240 -22.60 -33.28 -7.90
CA GLY D 240 -22.18 -32.90 -9.25
C GLY D 240 -22.73 -33.82 -10.34
N ALA D 241 -24.03 -34.13 -10.28
CA ALA D 241 -24.68 -35.00 -11.26
C ALA D 241 -25.32 -34.22 -12.41
N LYS D 242 -26.01 -33.12 -12.11
CA LYS D 242 -26.62 -32.27 -13.13
C LYS D 242 -25.80 -31.01 -13.36
N ALA D 243 -24.57 -31.01 -12.84
CA ALA D 243 -23.68 -29.89 -13.04
C ALA D 243 -23.50 -29.58 -14.52
N LEU D 244 -23.37 -28.28 -14.84
CA LEU D 244 -23.28 -27.80 -16.21
C LEU D 244 -21.91 -28.05 -16.83
N THR D 245 -21.83 -27.77 -18.12
CA THR D 245 -20.59 -27.74 -18.89
C THR D 245 -20.06 -26.30 -18.91
N CYS D 246 -18.82 -26.14 -19.37
CA CYS D 246 -18.27 -24.78 -19.50
C CYS D 246 -19.03 -24.00 -20.58
N LYS D 247 -19.31 -24.67 -21.68
CA LYS D 247 -20.09 -24.11 -22.79
C LYS D 247 -21.48 -23.68 -22.36
N ALA D 248 -22.18 -24.56 -21.65
CA ALA D 248 -23.55 -24.32 -21.21
C ALA D 248 -23.66 -23.04 -20.39
N TYR D 249 -22.94 -23.01 -19.27
CA TYR D 249 -22.88 -21.91 -18.32
C TYR D 249 -22.55 -20.62 -19.04
N ALA D 250 -21.67 -20.73 -20.03
CA ALA D 250 -21.28 -19.59 -20.87
C ALA D 250 -22.50 -19.03 -21.61
N ASP D 251 -23.13 -19.85 -22.42
CA ASP D 251 -24.29 -19.50 -23.26
C ASP D 251 -25.47 -19.05 -22.41
N ALA D 252 -25.69 -19.73 -21.28
CA ALA D 252 -26.70 -19.25 -20.35
C ALA D 252 -26.38 -17.79 -20.01
N ALA D 253 -25.19 -17.59 -19.41
CA ALA D 253 -24.75 -16.26 -18.98
C ALA D 253 -24.91 -15.21 -20.08
N GLU D 254 -24.75 -15.59 -21.34
CA GLU D 254 -24.87 -14.62 -22.42
C GLU D 254 -26.32 -14.29 -22.71
N GLN D 255 -27.16 -15.34 -22.78
CA GLN D 255 -28.60 -15.17 -22.97
C GLN D 255 -29.18 -14.19 -21.95
N LYS D 256 -28.63 -14.25 -20.74
CA LYS D 256 -29.05 -13.42 -19.62
C LYS D 256 -28.55 -11.94 -19.75
N PHE D 257 -27.35 -11.76 -20.29
CA PHE D 257 -26.70 -10.48 -20.50
C PHE D 257 -27.28 -9.73 -21.69
N ASP D 258 -27.48 -10.47 -22.79
CA ASP D 258 -28.15 -9.91 -23.95
C ASP D 258 -29.60 -9.62 -23.63
N GLY D 259 -30.08 -10.22 -22.53
CA GLY D 259 -31.41 -10.04 -21.98
C GLY D 259 -31.49 -8.87 -21.02
N GLN D 260 -30.34 -8.43 -20.52
CA GLN D 260 -30.28 -7.23 -19.68
C GLN D 260 -29.94 -6.02 -20.56
N LEU D 261 -29.28 -6.34 -21.68
CA LEU D 261 -28.81 -5.39 -22.68
C LEU D 261 -29.89 -5.00 -23.66
N ALA D 262 -30.88 -5.89 -23.84
CA ALA D 262 -32.00 -5.64 -24.73
C ALA D 262 -33.01 -4.67 -24.09
N LYS D 263 -33.57 -5.11 -22.96
CA LYS D 263 -34.48 -4.31 -22.14
C LYS D 263 -33.88 -2.95 -21.81
N GLU D 264 -32.57 -2.91 -21.58
CA GLU D 264 -31.90 -1.72 -21.12
C GLU D 264 -31.86 -0.60 -22.15
N THR D 265 -31.67 -0.95 -23.40
CA THR D 265 -31.48 -0.07 -24.54
C THR D 265 -32.31 1.23 -24.45
N ALA D 266 -33.63 1.11 -24.50
CA ALA D 266 -34.51 2.30 -24.45
C ALA D 266 -34.99 2.58 -23.03
N GLY D 267 -34.89 3.82 -22.58
CA GLY D 267 -35.28 4.20 -21.23
C GLY D 267 -34.13 4.07 -20.22
ZN ZN E . 23.90 1.58 7.96
ZN ZN F . 20.76 3.36 8.56
ZN ZN G . 12.00 4.93 -21.63
ZN ZN H . 9.92 2.11 -20.26
ZN ZN I . -14.98 7.12 19.45
ZN ZN J . -11.65 5.09 18.83
ZN ZN K . -20.85 -13.68 -5.63
ZN ZN L . -18.88 -10.50 -7.20
#